data_1XNJ
#
_entry.id   1XNJ
#
_cell.length_a   78.500
_cell.length_b   82.500
_cell.length_c   133.000
_cell.angle_alpha   90.00
_cell.angle_beta   105.00
_cell.angle_gamma   90.00
#
_symmetry.space_group_name_H-M   'P 1 21 1'
#
loop_
_entity.id
_entity.type
_entity.pdbx_description
1 polymer "Bifunctional 3'-phosphoadenosine 5'-phosphosulfate synthetase 1"
2 non-polymer "ADENOSINE-5'-DIPHOSPHATE"
3 non-polymer "ADENOSINE-5'-PHOSPHOSULFATE"
4 water water
#
_entity_poly.entity_id   1
_entity_poly.type   'polypeptide(L)'
_entity_poly.pdbx_seq_one_letter_code
;MEIPGSLCKKVKLSNNAQNWGMQRATNVTYQAHHVSRNKRGQVVGTRGGFRGCTVWLTGLSGAGKTTVSMALEEYLVCHG
IPCYTLDGDNIRQGLNKNLGFSPEDREENVRRIAEVAKLFADAGLVCITSFISPYTQDRNNARQIHEGASLPFFEVFVDA
PLHVCEQRDVKGLYKKARAGEIKGFTGIDSEYEKPEAPELVLKTDSCDVNDCVQQVVELLQERDIVPVDASYEVKELYVP
ENKLHLAKTDAETLPALKINKVDMQWVQVLAEGWATPLNGFMREREYLQCLHFDCLLDGGVINLSVPIVLTATHEDKERL
DGCTAFALMYEGRRVAILRNPEFFEHRKEERCARQWGTTCKNHPYIKMVMEQGDWLIGGDLQVLDRVYWNDGLDQYRLTP
TELKQKFKDMNADAVSAFQLRNPVHNGHALLMQDTHKQLLERGYRRPVLLLHPLGGWTKDDDVPLMWRMKQHAAVLEEGV
LNPETTVVAIFPSPMMYAGPTEVQWHCRARMVAGANFYIVGRDPAGMPHPETGKDLYEPSHGAKVLTMAPGLITLEIVPF
RVAAYNKKKKRMDYYDSEHHEDFEFISGTRMRKLAREGQKPPEGFMAPKAWTVLTEYYKSLEKAHHHHHH
;
_entity_poly.pdbx_strand_id   B,A
#
loop_
_chem_comp.id
_chem_comp.type
_chem_comp.name
_chem_comp.formula
ADP non-polymer ADENOSINE-5'-DIPHOSPHATE 'C10 H15 N5 O10 P2'
ADX RNA linking ADENOSINE-5'-PHOSPHOSULFATE 'C10 H14 N5 O10 P S'
#
# COMPACT_ATOMS: atom_id res chain seq x y z
N HIS A 34 29.25 -14.32 1.49
CA HIS A 34 28.78 -13.01 2.02
C HIS A 34 27.58 -12.45 1.23
N VAL A 35 26.57 -11.94 1.92
CA VAL A 35 25.41 -11.42 1.19
C VAL A 35 25.69 -10.02 0.56
N SER A 36 25.19 -9.85 -0.65
CA SER A 36 25.44 -8.63 -1.40
C SER A 36 24.69 -7.46 -0.76
N ARG A 37 25.12 -6.25 -1.11
CA ARG A 37 24.50 -5.06 -0.62
C ARG A 37 23.07 -5.03 -1.07
N ASN A 38 22.83 -5.41 -2.33
CA ASN A 38 21.51 -5.16 -2.89
C ASN A 38 20.47 -6.10 -2.26
N LYS A 39 20.97 -7.21 -1.71
CA LYS A 39 20.17 -8.11 -0.86
C LYS A 39 19.98 -7.61 0.57
N ARG A 40 21.05 -7.07 1.17
CA ARG A 40 20.94 -6.36 2.44
C ARG A 40 19.97 -5.15 2.22
N GLY A 41 19.95 -4.49 1.08
CA GLY A 41 18.98 -3.43 0.95
C GLY A 41 17.47 -3.81 0.95
N GLN A 42 17.17 -5.09 0.67
CA GLN A 42 15.82 -5.53 0.59
C GLN A 42 15.34 -5.76 2.01
N VAL A 43 16.25 -6.08 2.98
CA VAL A 43 15.77 -6.38 4.35
C VAL A 43 16.02 -5.34 5.45
N VAL A 44 16.97 -4.45 5.21
CA VAL A 44 17.18 -3.26 6.02
C VAL A 44 16.00 -2.30 5.78
N GLY A 45 15.14 -2.17 6.74
CA GLY A 45 14.03 -1.25 6.60
C GLY A 45 12.97 -1.63 5.59
N THR A 46 11.92 -0.82 5.57
CA THR A 46 10.64 -1.08 4.86
C THR A 46 10.69 -0.67 3.41
N ARG A 47 11.47 0.36 3.18
CA ARG A 47 11.63 0.94 1.89
C ARG A 47 12.67 0.07 1.22
N GLY A 48 12.56 -0.18 -0.07
CA GLY A 48 13.52 -1.10 -0.66
C GLY A 48 14.66 -0.26 -1.19
N GLY A 49 15.74 -0.94 -1.56
CA GLY A 49 16.87 -0.34 -2.25
C GLY A 49 17.87 -0.12 -1.15
N PHE A 50 19.15 -0.39 -1.46
CA PHE A 50 20.28 -0.14 -0.62
C PHE A 50 20.57 1.32 -0.55
N ARG A 51 20.78 1.77 0.66
CA ARG A 51 21.08 3.19 0.77
C ARG A 51 22.13 3.50 1.83
N GLY A 52 23.00 2.53 2.10
CA GLY A 52 24.09 2.77 3.00
C GLY A 52 24.88 3.94 2.66
N CYS A 53 25.30 4.72 3.63
CA CYS A 53 26.16 5.88 3.28
C CYS A 53 26.64 6.53 4.59
N THR A 54 27.41 7.57 4.46
CA THR A 54 27.92 8.24 5.68
C THR A 54 27.79 9.74 5.56
N VAL A 55 27.07 10.33 6.53
CA VAL A 55 26.91 11.74 6.61
C VAL A 55 27.92 12.25 7.64
N TRP A 56 28.93 12.94 7.17
CA TRP A 56 30.14 13.26 8.02
C TRP A 56 30.03 14.71 8.47
N LEU A 57 29.57 14.97 9.72
CA LEU A 57 29.46 16.33 10.19
C LEU A 57 30.86 16.71 10.79
N THR A 58 31.24 17.92 10.48
CA THR A 58 32.45 18.52 11.06
C THR A 58 32.24 19.99 11.31
N GLY A 59 32.90 20.51 12.35
CA GLY A 59 33.02 21.94 12.68
C GLY A 59 33.38 22.13 14.14
N LEU A 60 33.51 23.38 14.59
CA LEU A 60 33.93 23.65 16.01
C LEU A 60 32.96 23.12 17.11
N SER A 61 33.49 23.02 18.30
CA SER A 61 32.73 22.65 19.48
C SER A 61 31.59 23.68 19.52
N GLY A 62 30.35 23.20 19.70
CA GLY A 62 29.16 24.06 19.72
C GLY A 62 28.66 24.63 18.39
N ALA A 63 29.22 24.26 17.24
CA ALA A 63 28.72 24.78 15.95
C ALA A 63 27.32 24.23 15.63
N GLY A 64 27.00 23.07 16.18
CA GLY A 64 25.70 22.47 15.97
C GLY A 64 25.54 21.04 15.49
N LYS A 65 26.63 20.26 15.54
CA LYS A 65 26.73 18.93 14.99
C LYS A 65 25.80 17.99 15.71
N THR A 66 25.84 17.96 17.04
CA THR A 66 25.08 16.99 17.81
C THR A 66 23.59 17.28 17.57
N THR A 67 23.30 18.57 17.39
CA THR A 67 21.94 19.03 17.35
C THR A 67 21.37 18.56 15.98
N VAL A 68 22.09 18.88 14.91
CA VAL A 68 21.81 18.37 13.56
C VAL A 68 21.69 16.88 13.48
N SER A 69 22.60 16.13 14.14
CA SER A 69 22.60 14.71 13.98
C SER A 69 21.41 14.14 14.63
N MET A 70 21.11 14.66 15.82
CA MET A 70 20.02 14.11 16.58
C MET A 70 18.71 14.27 15.74
N ALA A 71 18.50 15.45 15.16
CA ALA A 71 17.34 15.80 14.42
C ALA A 71 17.27 15.07 13.09
N LEU A 72 18.44 14.94 12.40
CA LEU A 72 18.53 14.17 11.18
C LEU A 72 18.17 12.70 11.40
N GLU A 73 18.73 12.06 12.38
CA GLU A 73 18.34 10.75 12.80
C GLU A 73 16.82 10.53 13.06
N GLU A 74 16.25 11.42 13.86
CA GLU A 74 14.86 11.43 14.11
C GLU A 74 14.05 11.56 12.76
N TYR A 75 14.39 12.45 11.86
CA TYR A 75 13.82 12.51 10.59
C TYR A 75 13.88 11.19 9.87
N LEU A 76 15.05 10.52 9.84
CA LEU A 76 15.22 9.33 9.06
C LEU A 76 14.42 8.22 9.65
N VAL A 77 14.38 8.14 10.97
CA VAL A 77 13.60 7.12 11.60
C VAL A 77 12.04 7.32 11.44
N CYS A 78 11.57 8.51 11.68
CA CYS A 78 10.22 8.87 11.35
C CYS A 78 9.88 8.51 9.90
N HIS A 79 10.83 8.54 8.94
CA HIS A 79 10.58 8.07 7.60
C HIS A 79 11.04 6.65 7.23
N GLY A 80 11.13 5.73 8.16
CA GLY A 80 11.44 4.35 7.85
C GLY A 80 12.82 3.99 7.34
N ILE A 81 13.83 4.83 7.63
CA ILE A 81 15.21 4.70 7.10
C ILE A 81 16.16 4.42 8.28
N PRO A 82 16.53 3.15 8.49
CA PRO A 82 17.52 2.84 9.54
C PRO A 82 18.84 3.67 9.39
N CYS A 83 19.29 4.17 10.52
CA CYS A 83 20.46 5.03 10.53
C CYS A 83 21.12 4.72 11.87
N TYR A 84 22.36 5.17 12.03
CA TYR A 84 22.99 5.02 13.37
C TYR A 84 23.93 6.16 13.44
N THR A 85 24.00 6.74 14.62
CA THR A 85 24.76 7.94 14.83
C THR A 85 26.03 7.59 15.53
N LEU A 86 27.15 8.06 15.00
CA LEU A 86 28.42 7.88 15.77
C LEU A 86 28.76 9.21 16.37
N ASP A 87 28.92 9.25 17.68
CA ASP A 87 29.27 10.51 18.31
C ASP A 87 30.16 10.31 19.53
N GLY A 88 30.45 11.38 20.29
CA GLY A 88 31.23 11.22 21.51
C GLY A 88 30.71 10.23 22.54
N ASP A 89 29.39 10.27 22.74
CA ASP A 89 28.73 9.44 23.72
C ASP A 89 28.98 8.00 23.48
N ASN A 90 28.98 7.55 22.23
CA ASN A 90 29.12 6.12 22.03
C ASN A 90 30.55 5.76 21.55
N ILE A 91 31.25 6.63 20.82
CA ILE A 91 32.61 6.23 20.43
C ILE A 91 33.72 6.51 21.51
N ARG A 92 33.85 7.76 21.93
CA ARG A 92 35.03 8.11 22.74
C ARG A 92 34.91 7.44 24.12
N GLN A 93 33.75 6.96 24.48
CA GLN A 93 33.61 6.28 25.81
C GLN A 93 33.68 4.72 25.76
N GLY A 94 33.82 4.20 24.53
CA GLY A 94 33.94 2.76 24.33
C GLY A 94 35.15 2.42 23.40
N LEU A 95 34.89 2.41 22.09
CA LEU A 95 35.85 1.94 21.14
C LEU A 95 37.13 2.78 21.33
N ASN A 96 36.94 4.04 21.72
CA ASN A 96 38.02 5.02 21.63
C ASN A 96 38.37 5.63 22.98
N LYS A 97 38.09 4.89 24.04
CA LYS A 97 38.29 5.32 25.39
C LYS A 97 39.82 5.53 25.57
N ASN A 98 40.64 4.75 24.83
CA ASN A 98 42.12 4.87 24.87
C ASN A 98 42.78 5.94 23.90
N LEU A 99 42.04 6.92 23.48
CA LEU A 99 42.60 8.08 22.80
C LEU A 99 42.23 9.41 23.56
N GLY A 100 43.14 10.42 23.45
CA GLY A 100 42.99 11.87 23.72
C GLY A 100 42.90 12.80 22.45
N PHE A 101 43.41 14.02 22.58
CA PHE A 101 43.21 15.09 21.57
C PHE A 101 44.57 15.58 21.12
N SER A 102 45.53 14.73 21.54
CA SER A 102 46.97 14.76 21.26
C SER A 102 47.45 14.51 19.81
N PRO A 103 47.23 15.48 18.84
CA PRO A 103 46.91 15.36 17.36
C PRO A 103 47.11 14.11 16.48
N GLU A 104 47.96 13.20 16.97
CA GLU A 104 48.06 11.82 16.54
C GLU A 104 46.81 11.05 17.00
N ASP A 105 46.36 11.23 18.25
CA ASP A 105 45.18 10.56 18.81
C ASP A 105 43.90 10.91 18.03
N ARG A 106 43.74 12.17 17.75
CA ARG A 106 42.72 12.72 16.89
C ARG A 106 42.68 12.19 15.44
N GLU A 107 43.86 11.91 14.90
CA GLU A 107 43.95 11.20 13.65
C GLU A 107 43.46 9.77 13.86
N GLU A 108 43.93 9.09 14.89
CA GLU A 108 43.55 7.77 15.13
C GLU A 108 41.97 7.72 15.45
N ASN A 109 41.47 8.71 16.19
CA ASN A 109 40.04 8.87 16.48
C ASN A 109 39.26 8.81 15.20
N VAL A 110 39.48 9.79 14.39
CA VAL A 110 38.85 9.88 13.14
C VAL A 110 38.96 8.64 12.26
N ARG A 111 40.19 8.06 12.25
CA ARG A 111 40.45 6.83 11.49
C ARG A 111 39.60 5.70 11.96
N ARG A 112 39.56 5.41 13.24
CA ARG A 112 38.67 4.40 13.73
C ARG A 112 37.18 4.71 13.43
N ILE A 113 36.75 5.96 13.59
CA ILE A 113 35.34 6.39 13.29
C ILE A 113 35.04 6.17 11.77
N ALA A 114 35.96 6.57 10.94
CA ALA A 114 35.77 6.41 9.53
C ALA A 114 35.70 4.92 9.18
N GLU A 115 36.48 4.08 9.85
CA GLU A 115 36.34 2.69 9.56
C GLU A 115 34.99 2.15 10.04
N VAL A 116 34.57 2.47 11.24
CA VAL A 116 33.29 2.04 11.72
C VAL A 116 32.20 2.53 10.82
N ALA A 117 32.25 3.80 10.46
CA ALA A 117 31.22 4.33 9.62
C ALA A 117 31.11 3.52 8.33
N LYS A 118 32.26 3.10 7.79
CA LYS A 118 32.23 2.40 6.55
C LYS A 118 31.53 1.13 6.77
N LEU A 119 31.69 0.44 7.92
CA LEU A 119 31.03 -0.83 8.16
C LEU A 119 29.49 -0.62 8.29
N PHE A 120 29.07 0.48 8.93
CA PHE A 120 27.62 0.74 8.97
C PHE A 120 27.03 0.99 7.63
N ALA A 121 27.71 1.81 6.87
CA ALA A 121 27.27 2.14 5.58
C ALA A 121 27.23 0.76 4.72
N ASP A 122 28.24 -0.10 4.88
CA ASP A 122 28.31 -1.33 4.09
C ASP A 122 27.07 -2.21 4.43
N ALA A 123 26.63 -2.14 5.69
CA ALA A 123 25.47 -2.89 6.24
C ALA A 123 24.13 -2.37 5.80
N GLY A 124 24.16 -1.22 5.18
CA GLY A 124 22.98 -0.59 4.59
C GLY A 124 22.38 0.54 5.45
N LEU A 125 23.06 0.98 6.53
CA LEU A 125 22.52 2.11 7.34
C LEU A 125 22.98 3.48 6.87
N VAL A 126 22.21 4.52 7.17
CA VAL A 126 22.74 5.88 7.04
C VAL A 126 23.55 6.07 8.33
N CYS A 127 24.84 6.30 8.16
CA CYS A 127 25.68 6.43 9.37
C CYS A 127 25.87 7.92 9.47
N ILE A 128 25.55 8.48 10.62
CA ILE A 128 25.78 9.93 10.84
C ILE A 128 26.90 10.04 11.86
N THR A 129 27.91 10.80 11.52
CA THR A 129 29.05 11.01 12.47
C THR A 129 29.17 12.44 12.80
N SER A 130 29.35 12.63 14.09
CA SER A 130 29.38 13.91 14.73
C SER A 130 30.67 14.15 15.59
N PHE A 131 31.73 14.59 14.97
CA PHE A 131 33.01 14.82 15.67
C PHE A 131 33.48 16.06 15.05
N ILE A 132 34.31 16.79 15.85
CA ILE A 132 34.93 18.00 15.37
C ILE A 132 35.70 17.73 14.09
N SER A 133 36.48 16.64 14.13
CA SER A 133 37.22 16.23 12.94
C SER A 133 37.91 17.42 12.32
N PRO A 134 38.89 18.05 12.97
CA PRO A 134 39.46 19.27 12.44
C PRO A 134 40.52 19.14 11.34
N TYR A 135 41.01 17.95 11.00
CA TYR A 135 42.04 17.92 9.99
C TYR A 135 41.51 17.56 8.65
N THR A 136 41.81 18.44 7.69
CA THR A 136 41.40 18.28 6.33
C THR A 136 41.89 16.92 5.78
N GLN A 137 43.04 16.43 6.30
CA GLN A 137 43.68 15.24 5.74
C GLN A 137 42.99 13.99 6.26
N ASP A 138 42.77 13.93 7.58
CA ASP A 138 41.93 12.89 8.20
C ASP A 138 40.47 12.82 7.63
N ARG A 139 39.73 13.91 7.56
CA ARG A 139 38.45 13.82 6.81
C ARG A 139 38.58 13.27 5.33
N ASN A 140 39.58 13.72 4.56
CA ASN A 140 39.70 13.19 3.16
C ASN A 140 40.02 11.69 3.16
N ASN A 141 40.77 11.30 4.17
CA ASN A 141 41.06 9.90 4.34
C ASN A 141 39.77 9.17 4.64
N ALA A 142 38.89 9.76 5.44
CA ALA A 142 37.67 9.04 5.79
C ALA A 142 36.86 8.97 4.52
N ARG A 143 36.87 10.01 3.71
CA ARG A 143 36.20 10.01 2.47
C ARG A 143 36.71 8.91 1.48
N GLN A 144 38.02 8.73 1.42
CA GLN A 144 38.60 7.76 0.48
C GLN A 144 38.29 6.34 1.00
N ILE A 145 38.23 6.11 2.31
CA ILE A 145 37.97 4.77 2.81
C ILE A 145 36.58 4.37 2.21
N HIS A 146 35.69 5.37 2.07
CA HIS A 146 34.34 5.08 1.63
C HIS A 146 34.23 5.03 0.09
N GLU A 147 34.67 6.08 -0.60
CA GLU A 147 34.65 6.14 -2.10
C GLU A 147 35.44 4.86 -2.63
N GLY A 148 36.56 4.54 -2.04
CA GLY A 148 37.27 3.27 -2.36
C GLY A 148 36.46 1.99 -2.25
N ALA A 149 35.47 1.97 -1.37
CA ALA A 149 34.61 0.77 -1.30
C ALA A 149 33.20 1.06 -1.83
N SER A 150 33.08 2.10 -2.67
CA SER A 150 31.87 2.36 -3.35
C SER A 150 30.64 2.83 -2.48
N LEU A 151 30.92 3.39 -1.31
CA LEU A 151 29.90 3.99 -0.40
C LEU A 151 29.86 5.55 -0.48
N PRO A 152 28.71 6.15 -0.72
CA PRO A 152 28.59 7.62 -0.62
C PRO A 152 29.03 8.17 0.73
N PHE A 153 29.63 9.35 0.67
CA PHE A 153 30.20 10.08 1.76
C PHE A 153 29.81 11.52 1.64
N PHE A 154 29.18 12.07 2.64
CA PHE A 154 28.69 13.45 2.49
C PHE A 154 29.34 14.25 3.60
N GLU A 155 30.18 15.22 3.22
CA GLU A 155 30.97 15.97 4.25
C GLU A 155 30.15 17.18 4.56
N VAL A 156 29.69 17.30 5.80
CA VAL A 156 28.79 18.43 6.09
C VAL A 156 29.49 19.36 7.10
N PHE A 157 29.76 20.55 6.64
CA PHE A 157 30.49 21.52 7.41
C PHE A 157 29.42 22.33 8.21
N VAL A 158 29.33 21.99 9.49
CA VAL A 158 28.47 22.73 10.47
C VAL A 158 29.33 23.95 10.88
N ASP A 159 29.06 25.07 10.24
CA ASP A 159 29.88 26.23 10.21
C ASP A 159 29.29 27.48 11.02
N ALA A 160 29.83 27.72 12.21
CA ALA A 160 29.43 28.83 13.05
C ALA A 160 30.75 29.50 13.37
N PRO A 161 30.74 30.83 13.42
CA PRO A 161 31.97 31.52 13.79
C PRO A 161 32.35 31.24 15.19
N LEU A 162 33.65 31.29 15.32
CA LEU A 162 34.24 30.89 16.56
C LEU A 162 33.59 31.68 17.69
N HIS A 163 33.39 32.98 17.51
CA HIS A 163 32.80 33.80 18.59
C HIS A 163 31.38 33.34 18.97
N VAL A 164 30.58 32.91 17.98
CA VAL A 164 29.27 32.37 18.24
C VAL A 164 29.30 31.06 19.06
N CYS A 165 30.19 30.16 18.66
CA CYS A 165 30.31 28.94 19.41
C CYS A 165 30.65 29.15 20.88
N GLU A 166 31.54 30.10 21.15
CA GLU A 166 31.84 30.51 22.54
C GLU A 166 30.63 31.15 23.23
N GLN A 167 29.96 32.12 22.59
CA GLN A 167 28.62 32.57 23.03
C GLN A 167 27.81 31.38 23.55
N ARG A 168 27.61 30.33 22.74
CA ARG A 168 26.70 29.26 23.12
C ARG A 168 27.24 28.48 24.29
N ASP A 169 28.58 28.26 24.27
CA ASP A 169 29.36 27.45 25.25
C ASP A 169 28.50 26.41 25.97
N VAL A 170 27.85 25.63 25.12
CA VAL A 170 26.79 24.69 25.46
C VAL A 170 27.21 23.76 26.61
N LYS A 171 28.50 23.45 26.72
CA LYS A 171 28.94 22.46 27.69
C LYS A 171 29.90 23.03 28.76
N GLY A 172 30.16 24.34 28.68
CA GLY A 172 31.13 25.03 29.54
C GLY A 172 32.61 24.80 29.23
N LEU A 173 32.92 24.41 27.98
CA LEU A 173 34.29 24.04 27.53
C LEU A 173 35.21 25.20 27.10
N TYR A 174 34.67 26.16 26.35
CA TYR A 174 35.45 27.30 25.90
C TYR A 174 35.92 28.18 27.08
N LYS A 175 35.13 28.27 28.15
CA LYS A 175 35.58 29.07 29.31
C LYS A 175 36.60 28.24 30.08
N LYS A 176 36.24 26.98 30.33
CA LYS A 176 37.18 25.99 30.87
C LYS A 176 38.55 25.98 30.09
N ALA A 177 38.60 26.53 28.88
CA ALA A 177 39.80 26.55 28.08
C ALA A 177 40.39 27.94 27.86
N ARG A 178 39.63 29.00 28.11
CA ARG A 178 40.19 30.40 28.15
C ARG A 178 40.98 30.56 29.49
N ALA A 179 40.44 29.99 30.55
CA ALA A 179 41.14 29.78 31.82
C ALA A 179 42.39 28.89 31.72
N GLY A 180 42.77 28.37 30.54
CA GLY A 180 43.66 27.21 30.52
C GLY A 180 42.99 26.20 31.45
N GLU A 181 43.51 24.99 31.52
CA GLU A 181 42.75 23.88 32.12
C GLU A 181 42.24 22.96 30.99
N ILE A 182 42.18 23.46 29.76
CA ILE A 182 42.00 22.54 28.67
C ILE A 182 43.05 22.78 27.62
N LYS A 183 43.69 21.67 27.27
CA LYS A 183 44.51 21.40 26.05
C LYS A 183 44.80 22.49 25.00
N GLY A 184 44.91 22.05 23.75
CA GLY A 184 44.92 22.92 22.60
C GLY A 184 43.51 22.74 22.04
N PHE A 185 42.52 23.34 22.75
CA PHE A 185 41.10 23.24 22.38
C PHE A 185 40.96 23.84 21.02
N THR A 186 40.31 23.12 20.11
CA THR A 186 40.23 23.61 18.74
C THR A 186 39.46 24.94 18.70
N GLY A 187 39.86 25.79 17.74
CA GLY A 187 39.46 27.18 17.65
C GLY A 187 40.29 28.20 18.52
N ILE A 188 40.71 27.80 19.70
CA ILE A 188 41.48 28.63 20.63
C ILE A 188 42.97 28.28 20.56
N ASP A 189 43.37 27.16 21.20
CA ASP A 189 44.79 26.70 21.22
C ASP A 189 45.25 25.83 20.00
N SER A 190 44.45 24.85 19.50
CA SER A 190 44.75 24.17 18.15
C SER A 190 43.89 24.56 16.92
N GLU A 191 44.32 24.12 15.74
CA GLU A 191 43.66 24.56 14.49
C GLU A 191 42.36 23.72 14.20
N TYR A 192 41.43 24.42 13.56
CA TYR A 192 40.35 23.81 12.82
C TYR A 192 40.55 24.19 11.38
N GLU A 193 40.73 23.23 10.45
CA GLU A 193 40.85 23.56 9.00
C GLU A 193 39.46 23.34 8.35
N LYS A 194 38.88 24.42 7.82
CA LYS A 194 37.56 24.42 7.24
C LYS A 194 37.75 23.47 6.14
N PRO A 195 36.72 22.70 5.81
CA PRO A 195 36.66 21.98 4.50
C PRO A 195 36.73 22.88 3.26
N GLU A 196 37.42 22.43 2.21
CA GLU A 196 37.62 23.16 0.95
C GLU A 196 36.40 23.05 -0.03
N ALA A 197 35.89 21.82 -0.17
CA ALA A 197 34.69 21.53 -1.01
C ALA A 197 33.74 20.55 -0.27
N PRO A 198 33.11 20.97 0.84
CA PRO A 198 32.14 20.10 1.50
C PRO A 198 30.93 19.92 0.61
N GLU A 199 30.24 18.82 0.78
CA GLU A 199 29.00 18.69 0.05
C GLU A 199 27.97 19.71 0.55
N LEU A 200 28.06 20.17 1.80
CA LEU A 200 27.08 21.14 2.27
C LEU A 200 27.71 21.88 3.42
N VAL A 201 27.39 23.15 3.47
CA VAL A 201 27.84 24.05 4.51
C VAL A 201 26.56 24.48 5.24
N LEU A 202 26.38 24.15 6.54
CA LEU A 202 25.26 24.67 7.32
C LEU A 202 25.67 25.94 8.12
N LYS A 203 25.12 27.11 7.81
CA LYS A 203 25.52 28.32 8.53
C LYS A 203 24.62 28.39 9.74
N THR A 204 25.03 27.80 10.84
CA THR A 204 24.07 27.66 11.89
C THR A 204 23.75 28.92 12.69
N ASP A 205 24.37 30.06 12.36
CA ASP A 205 24.16 31.31 13.02
C ASP A 205 23.18 32.15 12.26
N SER A 206 22.83 31.69 11.06
CA SER A 206 21.96 32.37 10.10
C SER A 206 20.76 31.47 9.69
N CYS A 207 20.53 30.37 10.39
CA CYS A 207 19.44 29.47 9.99
C CYS A 207 19.09 28.69 11.20
N ASP A 208 17.89 28.09 11.18
CA ASP A 208 17.46 27.26 12.34
C ASP A 208 17.65 25.78 12.14
N VAL A 209 17.30 24.98 13.11
CA VAL A 209 17.66 23.58 13.02
C VAL A 209 16.85 23.00 11.84
N ASN A 210 15.54 23.30 11.76
CA ASN A 210 14.75 22.85 10.65
C ASN A 210 15.46 23.14 9.33
N ASP A 211 16.05 24.34 9.18
CA ASP A 211 16.83 24.73 7.99
C ASP A 211 17.98 23.81 7.77
N CYS A 212 18.63 23.44 8.83
CA CYS A 212 19.71 22.47 8.66
C CYS A 212 19.21 21.09 8.17
N VAL A 213 18.26 20.53 8.87
CA VAL A 213 17.71 19.26 8.54
C VAL A 213 17.23 19.25 7.11
N GLN A 214 16.59 20.32 6.73
CA GLN A 214 15.99 20.33 5.43
C GLN A 214 17.11 20.31 4.32
N GLN A 215 18.12 21.15 4.47
CA GLN A 215 19.30 21.15 3.60
C GLN A 215 20.00 19.78 3.49
N VAL A 216 20.16 19.08 4.59
CA VAL A 216 20.75 17.76 4.54
C VAL A 216 19.80 16.75 3.88
N VAL A 217 18.58 16.66 4.39
CA VAL A 217 17.59 15.80 3.79
C VAL A 217 17.52 16.10 2.25
N GLU A 218 17.55 17.34 1.82
CA GLU A 218 17.42 17.61 0.42
C GLU A 218 18.66 17.08 -0.36
N LEU A 219 19.82 17.07 0.32
CA LEU A 219 21.05 16.55 -0.25
C LEU A 219 20.84 15.09 -0.41
N LEU A 220 20.46 14.43 0.66
CA LEU A 220 20.29 13.02 0.53
C LEU A 220 19.20 12.60 -0.47
N GLN A 221 18.24 13.49 -0.77
CA GLN A 221 17.22 13.20 -1.73
C GLN A 221 17.85 13.34 -3.14
N GLU A 222 18.61 14.39 -3.40
CA GLU A 222 19.36 14.55 -4.65
C GLU A 222 20.20 13.34 -4.89
N ARG A 223 20.71 12.69 -3.86
CA ARG A 223 21.68 11.63 -4.09
C ARG A 223 21.13 10.27 -3.88
N ASP A 224 19.79 10.13 -3.84
CA ASP A 224 19.10 8.83 -3.84
C ASP A 224 19.30 7.94 -2.65
N ILE A 225 19.48 8.55 -1.50
CA ILE A 225 19.57 7.81 -0.27
C ILE A 225 18.16 7.89 0.38
N VAL A 226 17.56 9.06 0.30
CA VAL A 226 16.26 9.33 0.92
C VAL A 226 15.23 9.48 -0.26
N PRO A 227 14.25 8.63 -0.33
CA PRO A 227 13.24 8.75 -1.42
C PRO A 227 12.33 10.00 -1.28
N VAL A 228 11.98 10.53 -2.44
CA VAL A 228 11.00 11.61 -2.57
C VAL A 228 9.58 11.01 -2.64
N ASP A 229 8.89 11.01 -1.50
CA ASP A 229 7.49 10.54 -1.30
C ASP A 229 6.51 11.34 -2.14
N ALA A 230 5.45 10.68 -2.59
CA ALA A 230 4.41 11.36 -3.35
C ALA A 230 3.76 12.47 -2.45
N SER A 231 3.41 13.57 -3.08
CA SER A 231 3.02 14.74 -2.33
C SER A 231 1.72 15.29 -2.94
N TYR A 232 0.90 15.93 -2.16
CA TYR A 232 -0.13 16.83 -2.73
C TYR A 232 0.27 18.27 -3.13
N GLU A 233 1.53 18.67 -2.93
CA GLU A 233 2.00 19.96 -3.34
C GLU A 233 1.68 20.27 -4.81
N VAL A 234 1.03 21.41 -5.05
CA VAL A 234 0.41 21.58 -6.30
C VAL A 234 1.46 21.39 -7.32
N LYS A 235 1.12 20.64 -8.36
CA LYS A 235 1.94 20.41 -9.47
C LYS A 235 1.20 20.73 -10.76
N GLU A 236 1.48 21.91 -11.36
CA GLU A 236 0.88 22.28 -12.59
C GLU A 236 1.56 21.61 -13.64
N LEU A 237 0.87 21.39 -14.77
CA LEU A 237 1.48 20.81 -15.88
C LEU A 237 1.59 21.78 -17.10
N TYR A 238 1.20 23.05 -16.91
CA TYR A 238 1.54 24.18 -17.82
C TYR A 238 3.05 24.35 -18.09
N VAL A 239 3.51 24.40 -19.35
CA VAL A 239 4.89 24.87 -19.55
C VAL A 239 5.03 26.32 -19.03
N PRO A 240 6.17 26.63 -18.45
CA PRO A 240 6.52 28.04 -18.13
C PRO A 240 6.40 29.06 -19.34
N GLU A 241 5.89 30.27 -19.06
CA GLU A 241 5.74 31.35 -20.10
C GLU A 241 6.99 31.58 -20.91
N ASN A 242 8.18 31.47 -20.32
CA ASN A 242 9.35 31.75 -21.16
C ASN A 242 9.72 30.56 -21.99
N LYS A 243 9.03 29.42 -21.79
CA LYS A 243 9.37 28.22 -22.53
C LYS A 243 8.23 27.93 -23.48
N LEU A 244 7.23 28.80 -23.46
CA LEU A 244 5.96 28.52 -24.11
C LEU A 244 6.00 28.62 -25.65
N HIS A 245 6.53 29.76 -26.16
CA HIS A 245 6.74 29.94 -27.57
C HIS A 245 7.49 28.78 -28.19
N LEU A 246 8.61 28.43 -27.55
CA LEU A 246 9.44 27.28 -27.96
C LEU A 246 8.69 25.93 -28.01
N ALA A 247 7.81 25.75 -27.05
CA ALA A 247 7.08 24.49 -26.92
C ALA A 247 6.02 24.39 -28.01
N LYS A 248 5.45 25.57 -28.33
CA LYS A 248 4.48 25.68 -29.47
C LYS A 248 5.12 25.37 -30.81
N THR A 249 6.30 25.92 -31.04
CA THR A 249 7.03 25.60 -32.23
C THR A 249 7.30 24.12 -32.22
N ASP A 250 7.90 23.65 -31.12
CA ASP A 250 8.03 22.19 -31.02
C ASP A 250 6.73 21.47 -31.31
N ALA A 251 5.62 21.93 -30.71
CA ALA A 251 4.39 21.16 -30.85
C ALA A 251 3.95 21.00 -32.31
N GLU A 252 4.33 21.98 -33.07
CA GLU A 252 3.91 22.12 -34.46
C GLU A 252 4.48 21.05 -35.39
N THR A 253 5.68 20.58 -35.07
CA THR A 253 6.33 19.44 -35.74
C THR A 253 5.75 18.02 -35.41
N LEU A 254 4.90 17.88 -34.40
CA LEU A 254 4.49 16.49 -33.98
C LEU A 254 3.23 16.01 -34.65
N PRO A 255 3.02 14.70 -34.71
CA PRO A 255 1.71 14.20 -35.10
C PRO A 255 0.72 14.85 -34.14
N ALA A 256 -0.54 14.73 -34.46
CA ALA A 256 -1.54 15.29 -33.60
C ALA A 256 -2.73 14.38 -33.44
N LEU A 257 -3.40 14.59 -32.31
CA LEU A 257 -4.58 13.87 -31.99
C LEU A 257 -5.56 14.93 -31.58
N LYS A 258 -6.77 14.82 -32.13
CA LYS A 258 -7.86 15.75 -31.91
C LYS A 258 -8.66 15.37 -30.74
N ILE A 259 -8.84 16.26 -29.82
CA ILE A 259 -9.61 15.94 -28.65
C ILE A 259 -10.84 16.75 -28.64
N ASN A 260 -11.78 16.44 -27.73
CA ASN A 260 -13.08 17.14 -27.70
C ASN A 260 -13.16 17.96 -26.52
N LYS A 261 -14.33 18.41 -26.20
CA LYS A 261 -14.39 19.40 -25.16
C LYS A 261 -14.24 18.84 -23.76
N VAL A 262 -14.87 17.70 -23.49
CA VAL A 262 -14.75 17.11 -22.15
C VAL A 262 -13.29 16.71 -21.99
N ASP A 263 -12.61 16.22 -23.01
CA ASP A 263 -11.21 16.01 -22.91
C ASP A 263 -10.46 17.28 -22.55
N MET A 264 -10.85 18.43 -23.12
CA MET A 264 -10.07 19.64 -22.96
C MET A 264 -10.34 20.09 -21.54
N GLN A 265 -11.50 19.83 -21.00
CA GLN A 265 -11.69 20.26 -19.62
C GLN A 265 -10.85 19.31 -18.64
N TRP A 266 -10.69 18.05 -19.05
CA TRP A 266 -9.77 17.18 -18.18
C TRP A 266 -8.31 17.68 -18.42
N VAL A 267 -7.94 18.07 -19.67
CA VAL A 267 -6.66 18.79 -19.90
C VAL A 267 -6.50 19.92 -18.94
N GLN A 268 -7.56 20.65 -18.73
CA GLN A 268 -7.47 21.67 -17.72
C GLN A 268 -7.35 21.31 -16.35
N VAL A 269 -8.09 20.28 -15.94
CA VAL A 269 -7.96 19.75 -14.56
C VAL A 269 -6.46 19.37 -14.27
N LEU A 270 -5.85 18.73 -15.20
CA LEU A 270 -4.45 18.36 -15.10
C LEU A 270 -3.52 19.51 -15.09
N ALA A 271 -3.72 20.44 -16.06
CA ALA A 271 -2.87 21.59 -16.16
C ALA A 271 -2.71 22.40 -14.97
N GLU A 272 -3.79 22.63 -14.27
CA GLU A 272 -3.79 23.40 -13.12
C GLU A 272 -3.43 22.73 -11.84
N GLY A 273 -3.28 21.39 -11.88
CA GLY A 273 -2.81 20.76 -10.69
C GLY A 273 -3.82 20.13 -9.77
N TRP A 274 -5.09 20.03 -10.18
CA TRP A 274 -6.15 19.53 -9.33
C TRP A 274 -5.93 17.98 -9.15
N ALA A 275 -5.29 17.33 -10.14
CA ALA A 275 -4.96 15.93 -9.98
C ALA A 275 -3.50 15.65 -9.57
N THR A 276 -2.90 16.56 -8.82
CA THR A 276 -1.54 16.48 -8.39
C THR A 276 -1.46 15.14 -7.68
N PRO A 277 -0.42 14.36 -7.78
CA PRO A 277 0.81 14.51 -8.54
C PRO A 277 0.85 13.81 -9.87
N LEU A 278 -0.28 13.60 -10.53
CA LEU A 278 -0.22 13.09 -11.85
C LEU A 278 0.67 13.96 -12.77
N ASN A 279 1.45 13.28 -13.57
CA ASN A 279 2.24 13.92 -14.58
C ASN A 279 1.59 14.07 -15.95
N GLY A 280 0.32 13.66 -16.06
CA GLY A 280 -0.34 13.57 -17.34
C GLY A 280 -1.46 12.60 -17.21
N PHE A 281 -2.04 12.23 -18.31
CA PHE A 281 -3.11 11.27 -18.31
C PHE A 281 -2.59 9.95 -17.79
N MET A 282 -3.43 9.14 -17.13
CA MET A 282 -2.90 8.05 -16.27
C MET A 282 -2.31 7.04 -17.19
N ARG A 283 -1.21 6.47 -16.76
CA ARG A 283 -0.72 5.25 -17.39
C ARG A 283 -1.41 4.04 -16.78
N GLU A 284 -1.27 2.91 -17.43
CA GLU A 284 -1.96 1.64 -17.04
C GLU A 284 -1.92 1.38 -15.58
N ARG A 285 -0.70 1.47 -15.09
CA ARG A 285 -0.46 1.17 -13.68
C ARG A 285 -1.32 2.11 -12.80
N GLU A 286 -1.39 3.40 -13.15
CA GLU A 286 -2.11 4.36 -12.29
C GLU A 286 -3.56 4.16 -12.43
N TYR A 287 -4.04 3.89 -13.66
CA TYR A 287 -5.40 3.59 -13.93
C TYR A 287 -5.85 2.36 -13.08
N LEU A 288 -5.08 1.29 -13.12
CA LEU A 288 -5.53 0.09 -12.38
C LEU A 288 -5.51 0.36 -10.94
N GLN A 289 -4.55 1.17 -10.47
CA GLN A 289 -4.61 1.44 -9.00
C GLN A 289 -5.87 2.20 -8.74
N CYS A 290 -6.17 3.15 -9.58
CA CYS A 290 -7.23 4.03 -9.21
C CYS A 290 -8.53 3.20 -9.19
N LEU A 291 -8.72 2.35 -10.17
CA LEU A 291 -9.98 1.61 -10.16
C LEU A 291 -10.16 0.55 -9.08
N HIS A 292 -9.09 -0.20 -8.71
CA HIS A 292 -9.23 -1.20 -7.68
C HIS A 292 -9.13 -0.61 -6.33
N PHE A 293 -8.32 0.42 -6.09
CA PHE A 293 -8.05 0.80 -4.70
C PHE A 293 -8.47 2.18 -4.36
N ASP A 294 -8.88 2.93 -5.36
CA ASP A 294 -9.16 4.37 -5.27
C ASP A 294 -8.00 5.28 -4.86
N CYS A 295 -6.78 4.85 -5.06
CA CYS A 295 -5.62 5.56 -4.64
C CYS A 295 -4.56 5.39 -5.63
N LEU A 296 -3.61 6.31 -5.70
CA LEU A 296 -2.38 6.00 -6.39
C LEU A 296 -1.45 5.57 -5.29
N LEU A 297 -0.54 4.65 -5.58
CA LEU A 297 0.23 4.02 -4.51
C LEU A 297 1.76 4.12 -4.61
N ASP A 298 2.29 4.56 -5.74
CA ASP A 298 3.70 4.59 -5.92
C ASP A 298 4.27 5.83 -5.21
N GLY A 299 5.21 5.56 -4.36
CA GLY A 299 5.79 6.59 -3.52
C GLY A 299 4.94 7.05 -2.34
N GLY A 300 3.81 6.37 -2.02
CA GLY A 300 2.88 6.80 -0.94
C GLY A 300 1.45 6.84 -1.41
N VAL A 301 0.51 6.86 -0.48
CA VAL A 301 -0.90 6.69 -0.79
C VAL A 301 -1.44 8.07 -1.07
N ILE A 302 -1.98 8.23 -2.26
CA ILE A 302 -2.53 9.44 -2.70
C ILE A 302 -4.00 9.08 -3.12
N ASN A 303 -5.03 9.67 -2.51
CA ASN A 303 -6.39 9.47 -3.00
C ASN A 303 -6.61 10.01 -4.44
N LEU A 304 -7.14 9.18 -5.33
CA LEU A 304 -7.39 9.53 -6.72
C LEU A 304 -8.29 8.46 -7.24
N SER A 305 -9.55 8.75 -7.14
CA SER A 305 -10.60 7.76 -7.28
C SER A 305 -11.33 7.76 -8.59
N VAL A 306 -11.01 8.68 -9.56
CA VAL A 306 -11.57 8.61 -10.81
C VAL A 306 -10.45 8.55 -11.81
N PRO A 307 -10.65 7.74 -12.82
CA PRO A 307 -9.70 7.70 -13.90
C PRO A 307 -9.58 9.06 -14.54
N ILE A 308 -8.35 9.54 -14.75
CA ILE A 308 -8.07 10.72 -15.60
C ILE A 308 -7.35 10.25 -16.74
N VAL A 309 -8.10 9.96 -17.80
CA VAL A 309 -7.59 9.33 -18.97
C VAL A 309 -7.98 10.01 -20.25
N LEU A 310 -7.20 9.64 -21.24
CA LEU A 310 -7.37 10.01 -22.61
C LEU A 310 -7.61 8.76 -23.44
N THR A 311 -8.72 8.81 -24.14
CA THR A 311 -9.11 7.73 -25.02
C THR A 311 -8.65 7.92 -26.47
N ALA A 312 -8.63 6.80 -27.20
CA ALA A 312 -8.36 6.76 -28.64
C ALA A 312 -8.97 5.52 -29.30
N THR A 313 -9.19 5.63 -30.61
CA THR A 313 -9.72 4.51 -31.37
C THR A 313 -8.58 3.63 -31.82
N HIS A 314 -8.96 2.47 -32.32
CA HIS A 314 -8.04 1.53 -32.92
C HIS A 314 -7.15 2.31 -33.90
N GLU A 315 -7.81 3.19 -34.64
CA GLU A 315 -7.23 3.90 -35.81
C GLU A 315 -6.14 4.88 -35.33
N ASP A 316 -6.48 5.70 -34.36
CA ASP A 316 -5.52 6.60 -33.74
C ASP A 316 -4.40 5.87 -33.03
N LYS A 317 -4.68 4.77 -32.35
CA LYS A 317 -3.63 4.04 -31.73
C LYS A 317 -2.61 3.60 -32.76
N GLU A 318 -3.00 2.99 -33.86
CA GLU A 318 -1.94 2.35 -34.63
C GLU A 318 -1.17 3.45 -35.33
N ARG A 319 -1.87 4.55 -35.59
CA ARG A 319 -1.21 5.74 -36.09
C ARG A 319 -0.21 6.34 -35.11
N LEU A 320 -0.48 6.44 -33.80
CA LEU A 320 0.41 7.17 -32.86
C LEU A 320 1.39 6.33 -32.07
N ASP A 321 1.08 5.08 -31.94
CA ASP A 321 1.86 4.09 -31.21
C ASP A 321 3.20 4.06 -31.96
N GLY A 322 4.31 4.05 -31.23
CA GLY A 322 5.62 4.26 -31.88
C GLY A 322 6.21 5.66 -31.69
N CYS A 323 5.37 6.64 -31.57
CA CYS A 323 5.85 7.99 -31.57
C CYS A 323 6.17 8.49 -30.16
N THR A 324 7.25 9.24 -29.94
CA THR A 324 7.59 9.55 -28.55
C THR A 324 6.91 10.77 -28.01
N ALA A 325 6.11 11.42 -28.88
CA ALA A 325 5.42 12.64 -28.52
C ALA A 325 4.39 12.95 -29.54
N PHE A 326 3.27 13.42 -29.10
CA PHE A 326 2.37 13.98 -30.02
C PHE A 326 1.65 15.08 -29.35
N ALA A 327 0.95 15.88 -30.14
CA ALA A 327 0.21 17.06 -29.71
C ALA A 327 -1.21 16.78 -29.72
N LEU A 328 -1.89 17.43 -28.78
CA LEU A 328 -3.33 17.33 -28.63
C LEU A 328 -3.92 18.60 -29.18
N MET A 329 -4.95 18.47 -29.98
CA MET A 329 -5.50 19.63 -30.70
C MET A 329 -6.91 19.78 -30.33
N TYR A 330 -7.27 20.95 -29.82
CA TYR A 330 -8.64 21.26 -29.58
C TYR A 330 -9.03 22.56 -30.45
N GLU A 331 -10.12 22.42 -31.24
CA GLU A 331 -10.66 23.50 -32.14
C GLU A 331 -9.51 24.11 -32.91
N GLY A 332 -8.91 23.19 -33.64
CA GLY A 332 -7.73 23.42 -34.43
C GLY A 332 -6.50 24.03 -33.82
N ARG A 333 -6.47 24.34 -32.52
CA ARG A 333 -5.26 24.75 -31.76
C ARG A 333 -4.52 23.58 -31.03
N ARG A 334 -3.18 23.61 -31.10
CA ARG A 334 -2.33 22.63 -30.44
C ARG A 334 -2.30 23.04 -28.95
N VAL A 335 -3.03 22.35 -28.08
CA VAL A 335 -3.13 22.81 -26.69
C VAL A 335 -2.16 22.13 -25.74
N ALA A 336 -1.49 21.07 -26.16
CA ALA A 336 -0.60 20.34 -25.24
C ALA A 336 0.13 19.30 -25.95
N ILE A 337 1.18 18.82 -25.30
CA ILE A 337 1.99 17.79 -25.88
C ILE A 337 1.91 16.60 -24.83
N LEU A 338 1.67 15.41 -25.34
CA LEU A 338 1.76 14.17 -24.50
C LEU A 338 2.95 13.44 -24.94
N ARG A 339 3.95 13.37 -24.08
CA ARG A 339 5.22 12.73 -24.30
C ARG A 339 5.27 11.30 -23.65
N ASN A 340 6.01 10.41 -24.29
CA ASN A 340 6.28 9.03 -23.91
C ASN A 340 5.02 8.26 -23.64
N PRO A 341 4.16 8.26 -24.60
CA PRO A 341 2.76 7.86 -24.40
C PRO A 341 2.67 6.34 -24.34
N GLU A 342 1.73 5.75 -23.57
CA GLU A 342 1.53 4.30 -23.54
C GLU A 342 0.06 4.04 -23.73
N PHE A 343 -0.21 3.03 -24.52
CA PHE A 343 -1.54 2.69 -24.95
C PHE A 343 -1.93 1.38 -24.27
N PHE A 344 -3.09 1.35 -23.62
CA PHE A 344 -3.56 0.15 -22.95
C PHE A 344 -5.06 0.05 -23.17
N GLU A 345 -5.69 -1.09 -23.03
CA GLU A 345 -7.06 -1.18 -23.34
C GLU A 345 -8.01 -0.45 -22.40
N HIS A 346 -9.04 0.10 -22.98
CA HIS A 346 -10.12 0.71 -22.26
C HIS A 346 -11.18 -0.38 -22.17
N ARG A 347 -11.12 -1.17 -21.13
CA ARG A 347 -12.13 -2.19 -20.93
C ARG A 347 -13.36 -1.49 -20.37
N LYS A 348 -14.28 -1.16 -21.18
CA LYS A 348 -15.23 -0.15 -20.74
C LYS A 348 -16.29 -0.62 -19.85
N GLU A 349 -16.80 -1.82 -20.09
CA GLU A 349 -17.84 -2.33 -19.12
C GLU A 349 -17.22 -2.45 -17.74
N GLU A 350 -16.07 -3.01 -17.67
CA GLU A 350 -15.44 -3.13 -16.34
C GLU A 350 -15.13 -1.81 -15.66
N ARG A 351 -14.56 -0.86 -16.44
CA ARG A 351 -14.33 0.49 -15.95
C ARG A 351 -15.62 1.04 -15.41
N CYS A 352 -16.67 1.01 -16.19
CA CYS A 352 -17.88 1.61 -15.78
C CYS A 352 -18.40 0.98 -14.53
N ALA A 353 -18.51 -0.35 -14.50
CA ALA A 353 -18.97 -1.01 -13.32
C ALA A 353 -18.18 -0.63 -12.07
N ARG A 354 -16.82 -0.67 -12.16
CA ARG A 354 -16.03 -0.25 -10.97
C ARG A 354 -16.09 1.17 -10.58
N GLN A 355 -16.25 2.12 -11.52
CA GLN A 355 -16.27 3.54 -11.18
C GLN A 355 -17.67 3.98 -10.68
N TRP A 356 -18.70 3.41 -11.29
CA TRP A 356 -20.04 3.92 -11.00
C TRP A 356 -20.84 2.89 -10.26
N GLY A 357 -20.35 1.63 -10.09
CA GLY A 357 -21.26 0.70 -9.46
C GLY A 357 -22.47 0.32 -10.26
N THR A 358 -22.41 0.48 -11.60
CA THR A 358 -23.53 0.14 -12.46
C THR A 358 -22.93 0.12 -13.84
N THR A 359 -23.47 -0.63 -14.77
CA THR A 359 -23.01 -0.34 -16.17
C THR A 359 -24.11 0.17 -17.06
N CYS A 360 -25.14 0.66 -16.41
CA CYS A 360 -26.30 1.21 -17.00
C CYS A 360 -25.94 2.19 -18.12
N LYS A 361 -26.30 1.81 -19.35
CA LYS A 361 -25.93 2.51 -20.58
C LYS A 361 -26.54 3.87 -20.71
N ASN A 362 -27.58 4.14 -19.97
CA ASN A 362 -28.18 5.46 -20.06
C ASN A 362 -27.79 6.37 -18.97
N HIS A 363 -26.88 6.01 -18.13
CA HIS A 363 -26.19 7.02 -17.32
C HIS A 363 -25.44 7.93 -18.19
N PRO A 364 -25.61 9.20 -17.96
CA PRO A 364 -25.17 10.15 -19.02
C PRO A 364 -23.66 10.22 -19.18
N TYR A 365 -22.85 9.94 -18.13
CA TYR A 365 -21.41 9.94 -18.37
C TYR A 365 -21.00 8.58 -18.92
N ILE A 366 -21.64 7.51 -18.35
CA ILE A 366 -21.29 6.20 -18.81
C ILE A 366 -21.52 6.13 -20.35
N LYS A 367 -22.59 6.71 -20.74
CA LYS A 367 -22.89 6.80 -22.20
C LYS A 367 -21.81 7.43 -22.96
N MET A 368 -21.26 8.49 -22.43
CA MET A 368 -20.08 9.04 -23.17
C MET A 368 -18.91 8.07 -23.21
N VAL A 369 -18.65 7.42 -22.11
CA VAL A 369 -17.55 6.49 -22.05
C VAL A 369 -17.84 5.36 -22.99
N MET A 370 -19.11 4.97 -23.02
CA MET A 370 -19.46 3.84 -23.96
C MET A 370 -19.20 4.17 -25.44
N GLU A 371 -19.18 5.47 -25.76
CA GLU A 371 -18.89 5.91 -27.16
C GLU A 371 -17.41 6.14 -27.48
N GLN A 372 -16.57 6.24 -26.48
CA GLN A 372 -15.16 6.50 -26.74
C GLN A 372 -14.48 5.32 -27.33
N GLY A 373 -13.18 5.47 -27.51
CA GLY A 373 -12.37 4.41 -28.02
C GLY A 373 -12.03 3.33 -27.09
N ASP A 374 -11.48 2.32 -27.67
CA ASP A 374 -11.17 1.11 -27.00
C ASP A 374 -9.71 1.11 -26.39
N TRP A 375 -8.95 2.19 -26.59
CA TRP A 375 -7.60 2.35 -26.07
C TRP A 375 -7.63 3.57 -25.18
N LEU A 376 -6.76 3.58 -24.18
CA LEU A 376 -6.45 4.73 -23.44
C LEU A 376 -5.06 5.00 -23.65
N ILE A 377 -4.71 6.24 -23.35
CA ILE A 377 -3.36 6.69 -23.62
C ILE A 377 -2.89 7.38 -22.40
N GLY A 378 -1.78 6.92 -21.81
CA GLY A 378 -1.17 7.71 -20.78
C GLY A 378 0.14 8.31 -21.26
N GLY A 379 0.54 9.35 -20.59
CA GLY A 379 1.87 9.90 -20.79
C GLY A 379 2.05 11.13 -19.95
N ASP A 380 3.14 11.86 -20.21
CA ASP A 380 3.52 13.06 -19.51
C ASP A 380 2.91 14.26 -20.32
N LEU A 381 2.07 15.05 -19.72
CA LEU A 381 1.35 16.05 -20.44
C LEU A 381 2.03 17.43 -20.22
N GLN A 382 2.38 18.09 -21.30
CA GLN A 382 2.97 19.45 -21.19
C GLN A 382 1.89 20.32 -21.81
N VAL A 383 1.21 21.06 -20.99
CA VAL A 383 0.17 21.89 -21.51
C VAL A 383 0.73 23.32 -21.91
N LEU A 384 0.13 23.93 -22.93
CA LEU A 384 0.89 25.04 -23.62
C LEU A 384 0.18 26.28 -23.17
N ASP A 385 -0.66 26.81 -24.08
CA ASP A 385 -1.38 28.01 -23.70
C ASP A 385 -2.26 27.74 -22.54
N ARG A 386 -2.31 28.72 -21.70
CA ARG A 386 -3.19 28.72 -20.59
C ARG A 386 -4.68 28.68 -20.97
N VAL A 387 -5.51 27.96 -20.18
CA VAL A 387 -6.82 27.50 -20.67
C VAL A 387 -7.79 28.51 -20.27
N TYR A 388 -8.49 29.07 -21.26
CA TYR A 388 -9.44 30.18 -21.00
C TYR A 388 -10.59 29.86 -21.87
N TRP A 389 -11.79 30.12 -21.41
CA TRP A 389 -12.93 29.63 -22.19
C TRP A 389 -13.67 30.86 -22.91
N ASN A 390 -13.37 32.06 -22.41
CA ASN A 390 -13.65 33.33 -23.15
C ASN A 390 -15.13 33.47 -23.24
N ASP A 391 -15.84 33.14 -22.15
CA ASP A 391 -17.30 32.99 -22.07
C ASP A 391 -17.84 33.93 -21.00
N GLY A 392 -17.00 34.72 -20.41
CA GLY A 392 -17.53 35.65 -19.42
C GLY A 392 -17.34 35.20 -18.06
N LEU A 393 -16.72 34.00 -17.92
CA LEU A 393 -16.60 33.39 -16.62
C LEU A 393 -15.12 33.11 -16.19
N ASP A 394 -14.19 33.20 -17.13
CA ASP A 394 -12.79 32.96 -16.83
C ASP A 394 -12.29 33.70 -15.52
N GLN A 395 -12.99 34.71 -15.03
CA GLN A 395 -12.58 35.47 -13.77
C GLN A 395 -12.83 34.61 -12.55
N TYR A 396 -13.75 33.67 -12.74
CA TYR A 396 -14.04 32.75 -11.63
C TYR A 396 -13.13 31.43 -11.54
N ARG A 397 -12.39 31.18 -12.60
CA ARG A 397 -11.79 29.91 -12.91
C ARG A 397 -10.35 30.07 -12.33
N LEU A 398 -10.29 30.05 -11.03
CA LEU A 398 -9.03 30.18 -10.38
C LEU A 398 -8.37 28.79 -10.34
N THR A 399 -7.05 28.80 -10.44
CA THR A 399 -6.26 27.57 -10.29
C THR A 399 -6.08 27.32 -8.82
N PRO A 400 -5.61 26.11 -8.40
CA PRO A 400 -5.39 25.90 -6.97
C PRO A 400 -4.30 26.86 -6.39
N THR A 401 -3.29 27.20 -7.16
CA THR A 401 -2.33 28.22 -6.76
C THR A 401 -3.02 29.60 -6.55
N GLU A 402 -3.76 30.11 -7.55
CA GLU A 402 -4.56 31.33 -7.40
C GLU A 402 -5.40 31.19 -6.14
N LEU A 403 -6.11 30.07 -5.90
CA LEU A 403 -7.00 30.02 -4.74
C LEU A 403 -6.22 30.14 -3.45
N LYS A 404 -5.11 29.43 -3.32
CA LYS A 404 -4.32 29.47 -2.08
C LYS A 404 -3.76 30.91 -1.87
N GLN A 405 -3.36 31.55 -2.96
CA GLN A 405 -2.99 32.98 -2.83
C GLN A 405 -4.10 33.81 -2.26
N LYS A 406 -5.33 33.60 -2.76
CA LYS A 406 -6.51 34.40 -2.34
C LYS A 406 -6.78 34.16 -0.92
N PHE A 407 -6.58 32.94 -0.43
CA PHE A 407 -6.89 32.71 0.97
C PHE A 407 -5.82 33.42 1.74
N LYS A 408 -4.61 33.52 1.18
CA LYS A 408 -3.50 33.98 2.02
C LYS A 408 -3.73 35.50 2.16
N ASP A 409 -4.02 36.09 1.03
CA ASP A 409 -4.36 37.51 0.94
C ASP A 409 -5.52 37.96 1.75
N MET A 410 -6.51 37.10 2.01
CA MET A 410 -7.66 37.40 2.94
C MET A 410 -7.29 37.02 4.32
N ASN A 411 -6.08 36.49 4.44
CA ASN A 411 -5.60 36.05 5.71
C ASN A 411 -6.48 35.01 6.44
N ALA A 412 -7.05 34.04 5.67
CA ALA A 412 -7.90 33.08 6.33
C ALA A 412 -7.05 32.28 7.21
N ASP A 413 -7.64 31.80 8.28
CA ASP A 413 -7.04 30.79 9.11
C ASP A 413 -7.80 29.44 9.09
N ALA A 414 -8.82 29.32 8.23
CA ALA A 414 -9.54 28.05 7.94
C ALA A 414 -10.31 28.26 6.63
N VAL A 415 -10.23 27.25 5.74
CA VAL A 415 -10.89 27.30 4.49
C VAL A 415 -11.88 26.12 4.51
N SER A 416 -13.19 26.37 4.34
CA SER A 416 -14.13 25.28 4.22
C SER A 416 -14.56 25.27 2.85
N ALA A 417 -14.66 24.10 2.24
CA ALA A 417 -15.06 24.05 0.82
C ALA A 417 -16.47 23.46 0.64
N PHE A 418 -17.25 23.99 -0.30
CA PHE A 418 -18.54 23.40 -0.68
C PHE A 418 -18.54 23.13 -2.18
N GLN A 419 -18.49 21.87 -2.61
CA GLN A 419 -18.67 21.49 -3.98
C GLN A 419 -20.17 21.48 -4.08
N LEU A 420 -20.65 21.97 -5.23
CA LEU A 420 -22.09 21.90 -5.68
C LEU A 420 -22.17 21.88 -7.17
N ARG A 421 -23.25 21.29 -7.72
CA ARG A 421 -23.47 21.35 -9.16
C ARG A 421 -24.90 22.03 -9.54
N ASN A 422 -25.57 22.41 -8.49
CA ASN A 422 -26.97 22.90 -8.48
C ASN A 422 -27.07 24.35 -7.98
N PRO A 423 -28.20 25.06 -8.31
CA PRO A 423 -28.54 26.37 -7.68
C PRO A 423 -28.41 26.22 -6.21
N VAL A 424 -27.89 27.17 -5.41
CA VAL A 424 -27.93 27.13 -3.96
C VAL A 424 -29.29 27.55 -3.38
N HIS A 425 -29.93 26.64 -2.65
CA HIS A 425 -31.15 26.92 -1.93
C HIS A 425 -30.61 27.05 -0.60
N ASN A 426 -31.47 27.42 0.35
CA ASN A 426 -30.98 27.68 1.71
C ASN A 426 -30.75 26.47 2.53
N GLY A 427 -31.15 25.32 2.03
CA GLY A 427 -30.72 24.10 2.65
C GLY A 427 -29.21 23.93 2.52
N HIS A 428 -28.70 24.14 1.32
CA HIS A 428 -27.20 24.16 1.15
C HIS A 428 -26.64 25.26 1.95
N ALA A 429 -27.27 26.45 1.93
CA ALA A 429 -26.68 27.60 2.68
C ALA A 429 -26.62 27.20 4.18
N LEU A 430 -27.57 26.48 4.62
CA LEU A 430 -27.55 26.10 6.02
C LEU A 430 -26.26 25.25 6.32
N LEU A 431 -25.87 24.35 5.40
CA LEU A 431 -24.68 23.49 5.69
C LEU A 431 -23.50 24.44 5.78
N MET A 432 -23.43 25.41 4.87
CA MET A 432 -22.32 26.37 4.82
C MET A 432 -22.31 27.26 6.05
N GLN A 433 -23.50 27.68 6.53
CA GLN A 433 -23.59 28.57 7.68
C GLN A 433 -23.28 27.90 8.86
N ASP A 434 -23.73 26.68 8.98
CA ASP A 434 -23.47 25.96 10.25
C ASP A 434 -22.00 25.46 10.35
N THR A 435 -21.38 25.16 9.22
CA THR A 435 -19.94 24.86 9.25
C THR A 435 -19.14 26.14 9.72
N HIS A 436 -19.53 27.29 9.18
CA HIS A 436 -18.98 28.60 9.53
C HIS A 436 -19.16 28.81 11.05
N LYS A 437 -20.34 28.49 11.58
CA LYS A 437 -20.55 28.58 13.04
C LYS A 437 -19.63 27.64 13.79
N GLN A 438 -19.51 26.40 13.30
CA GLN A 438 -18.70 25.46 14.09
C GLN A 438 -17.18 25.91 14.12
N LEU A 439 -16.64 26.41 13.00
CA LEU A 439 -15.27 26.90 12.89
C LEU A 439 -15.07 28.04 13.92
N LEU A 440 -16.02 28.98 13.98
CA LEU A 440 -15.99 30.07 15.00
C LEU A 440 -16.01 29.59 16.38
N GLU A 441 -16.88 28.65 16.62
CA GLU A 441 -17.03 28.08 17.92
C GLU A 441 -15.77 27.29 18.33
N ARG A 442 -15.06 26.78 17.36
CA ARG A 442 -13.82 26.12 17.63
C ARG A 442 -12.63 27.11 17.85
N GLY A 443 -12.69 28.38 17.39
CA GLY A 443 -11.54 29.28 17.63
C GLY A 443 -11.03 29.89 16.37
N TYR A 444 -11.54 29.51 15.22
CA TYR A 444 -11.03 30.15 14.06
C TYR A 444 -11.66 31.54 13.97
N ARG A 445 -10.90 32.50 13.45
CA ARG A 445 -11.34 33.90 13.54
C ARG A 445 -11.51 34.43 12.20
N ARG A 446 -10.96 33.76 11.19
CA ARG A 446 -11.12 34.22 9.81
C ARG A 446 -11.36 33.01 8.85
N PRO A 447 -12.39 32.24 9.18
CA PRO A 447 -12.89 31.21 8.26
C PRO A 447 -13.41 31.79 7.00
N VAL A 448 -13.00 31.18 5.91
CA VAL A 448 -13.42 31.60 4.57
C VAL A 448 -14.11 30.36 4.04
N LEU A 449 -15.07 30.61 3.12
CA LEU A 449 -15.88 29.62 2.51
C LEU A 449 -15.40 29.64 1.14
N LEU A 450 -15.04 28.46 0.64
CA LEU A 450 -14.84 28.41 -0.80
C LEU A 450 -16.19 27.85 -1.37
N LEU A 451 -16.86 28.64 -2.20
CA LEU A 451 -18.07 28.23 -2.81
C LEU A 451 -17.68 27.84 -4.16
N HIS A 452 -17.75 26.54 -4.38
CA HIS A 452 -16.98 25.96 -5.45
C HIS A 452 -17.72 25.20 -6.62
N PRO A 453 -18.69 25.86 -7.25
CA PRO A 453 -19.47 25.16 -8.22
C PRO A 453 -18.64 24.49 -9.21
N LEU A 454 -19.08 23.36 -9.72
CA LEU A 454 -18.37 22.71 -10.76
C LEU A 454 -18.78 23.31 -12.11
N GLY A 455 -17.88 23.37 -13.11
CA GLY A 455 -18.14 24.05 -14.36
C GLY A 455 -17.69 23.28 -15.50
N GLY A 456 -17.28 21.98 -15.29
CA GLY A 456 -16.90 21.13 -16.36
C GLY A 456 -18.19 20.53 -16.91
N TRP A 457 -18.07 19.58 -17.83
CA TRP A 457 -19.28 18.90 -18.33
C TRP A 457 -20.33 18.52 -17.29
N THR A 458 -21.60 18.65 -17.59
CA THR A 458 -22.75 18.39 -16.73
C THR A 458 -23.85 17.81 -17.58
N LYS A 459 -24.69 16.99 -16.98
CA LYS A 459 -25.70 16.29 -17.75
C LYS A 459 -26.78 17.28 -18.21
N ASP A 460 -27.48 16.89 -19.28
CA ASP A 460 -28.50 17.72 -20.05
C ASP A 460 -29.49 18.43 -19.22
N ASP A 461 -30.03 17.82 -18.21
CA ASP A 461 -31.04 18.52 -17.45
C ASP A 461 -30.56 19.33 -16.27
N ASP A 462 -29.27 19.43 -16.04
CA ASP A 462 -28.79 20.28 -14.96
C ASP A 462 -28.94 21.83 -15.35
N VAL A 463 -29.03 22.75 -14.40
CA VAL A 463 -28.97 24.14 -14.72
C VAL A 463 -27.63 24.56 -15.34
N PRO A 464 -27.57 25.28 -16.49
CA PRO A 464 -26.26 25.68 -17.03
C PRO A 464 -25.45 26.51 -16.07
N LEU A 465 -24.13 26.28 -16.07
CA LEU A 465 -23.17 27.08 -15.31
C LEU A 465 -23.45 28.63 -15.35
N MET A 466 -23.63 29.20 -16.54
CA MET A 466 -23.84 30.70 -16.54
C MET A 466 -24.99 30.97 -15.56
N TRP A 467 -26.11 30.28 -15.75
CA TRP A 467 -27.23 30.50 -14.86
C TRP A 467 -26.94 30.23 -13.43
N ARG A 468 -26.20 29.13 -13.10
CA ARG A 468 -25.96 28.90 -11.66
C ARG A 468 -25.08 29.98 -11.15
N MET A 469 -24.06 30.38 -11.90
CA MET A 469 -23.22 31.49 -11.33
C MET A 469 -24.07 32.78 -11.01
N LYS A 470 -24.95 33.11 -11.96
CA LYS A 470 -25.84 34.26 -11.77
C LYS A 470 -26.70 33.99 -10.53
N GLN A 471 -27.16 32.73 -10.31
CA GLN A 471 -27.99 32.48 -9.17
C GLN A 471 -27.24 32.58 -7.85
N HIS A 472 -25.99 32.10 -7.79
CA HIS A 472 -25.22 32.24 -6.54
C HIS A 472 -24.80 33.65 -6.36
N ALA A 473 -24.45 34.34 -7.43
CA ALA A 473 -24.22 35.81 -7.20
C ALA A 473 -25.35 36.43 -6.44
N ALA A 474 -26.56 35.99 -6.71
CA ALA A 474 -27.72 36.60 -6.09
C ALA A 474 -27.84 36.19 -4.69
N VAL A 475 -27.46 34.94 -4.35
CA VAL A 475 -27.57 34.46 -2.97
C VAL A 475 -26.63 35.27 -2.12
N LEU A 476 -25.54 35.66 -2.78
CA LEU A 476 -24.51 36.41 -2.10
C LEU A 476 -24.98 37.87 -2.09
N GLU A 477 -25.53 38.34 -3.20
CA GLU A 477 -25.96 39.79 -3.20
C GLU A 477 -26.96 40.01 -2.03
N GLU A 478 -27.79 39.01 -1.75
CA GLU A 478 -28.75 39.05 -0.66
C GLU A 478 -28.20 38.76 0.69
N GLY A 479 -26.93 38.43 0.80
CA GLY A 479 -26.36 38.12 2.11
C GLY A 479 -26.72 36.78 2.74
N VAL A 480 -27.20 35.85 1.93
CA VAL A 480 -27.47 34.54 2.57
C VAL A 480 -26.14 33.87 3.00
N LEU A 481 -25.19 34.08 2.11
CA LEU A 481 -23.76 33.94 2.42
C LEU A 481 -23.10 35.30 2.29
N ASN A 482 -22.11 35.53 3.16
CA ASN A 482 -21.34 36.75 3.18
C ASN A 482 -20.25 36.93 2.14
N PRO A 483 -20.36 37.90 1.25
CA PRO A 483 -19.37 38.06 0.17
C PRO A 483 -17.96 38.33 0.62
N GLU A 484 -17.78 38.99 1.76
CA GLU A 484 -16.44 39.41 2.20
C GLU A 484 -15.74 38.20 2.81
N THR A 485 -16.51 37.16 3.11
CA THR A 485 -15.82 35.91 3.54
C THR A 485 -16.06 34.67 2.69
N THR A 486 -16.19 34.87 1.39
CA THR A 486 -16.60 33.81 0.53
C THR A 486 -15.85 34.00 -0.72
N VAL A 487 -15.11 33.01 -1.12
CA VAL A 487 -14.55 33.07 -2.43
C VAL A 487 -15.47 32.24 -3.32
N VAL A 488 -15.80 32.74 -4.50
CA VAL A 488 -16.59 32.04 -5.40
C VAL A 488 -15.72 31.74 -6.58
N ALA A 489 -15.58 30.47 -6.94
CA ALA A 489 -14.82 30.08 -8.15
C ALA A 489 -15.39 28.79 -8.69
N ILE A 490 -15.05 28.50 -9.91
CA ILE A 490 -15.57 27.47 -10.69
C ILE A 490 -14.44 26.36 -10.81
N PHE A 491 -14.82 25.15 -10.33
CA PHE A 491 -14.05 23.92 -10.41
C PHE A 491 -14.16 23.39 -11.70
N PRO A 492 -13.04 23.26 -12.43
CA PRO A 492 -13.17 22.90 -13.84
C PRO A 492 -13.48 21.44 -14.21
N SER A 493 -13.58 20.53 -13.25
CA SER A 493 -13.76 19.09 -13.63
C SER A 493 -15.06 18.79 -14.23
N PRO A 494 -15.09 17.93 -15.23
CA PRO A 494 -16.34 17.35 -15.61
C PRO A 494 -16.99 16.70 -14.43
N MET A 495 -18.30 16.70 -14.43
CA MET A 495 -19.04 15.91 -13.49
C MET A 495 -19.33 14.51 -13.99
N MET A 496 -19.14 13.54 -13.08
CA MET A 496 -19.36 12.10 -13.37
C MET A 496 -20.62 11.51 -12.91
N TYR A 497 -21.20 12.10 -11.90
CA TYR A 497 -22.31 11.51 -11.28
C TYR A 497 -22.01 9.98 -10.82
N ALA A 498 -20.98 9.89 -9.98
CA ALA A 498 -20.47 8.61 -9.44
C ALA A 498 -20.51 8.52 -8.00
N GLY A 499 -21.26 9.39 -7.35
CA GLY A 499 -21.58 9.07 -5.98
C GLY A 499 -20.37 8.98 -5.06
N PRO A 500 -20.37 7.95 -4.25
CA PRO A 500 -19.28 7.79 -3.27
C PRO A 500 -17.89 7.64 -3.88
N THR A 501 -17.78 7.19 -5.13
CA THR A 501 -16.50 7.32 -5.82
C THR A 501 -16.06 8.71 -6.19
N GLU A 502 -16.99 9.44 -6.79
CA GLU A 502 -16.75 10.80 -7.14
C GLU A 502 -16.52 11.72 -5.98
N VAL A 503 -17.20 11.54 -4.88
CA VAL A 503 -17.11 12.50 -3.89
C VAL A 503 -15.64 12.57 -3.40
N GLN A 504 -14.95 11.44 -3.34
CA GLN A 504 -13.58 11.49 -2.93
C GLN A 504 -12.81 12.39 -3.83
N TRP A 505 -13.11 12.32 -5.11
CA TRP A 505 -12.44 13.20 -6.11
C TRP A 505 -12.76 14.73 -5.83
N HIS A 506 -14.03 14.99 -5.60
CA HIS A 506 -14.45 16.33 -5.22
C HIS A 506 -13.59 16.83 -4.08
N CYS A 507 -13.42 15.97 -3.10
CA CYS A 507 -12.86 16.38 -1.88
C CYS A 507 -11.35 16.55 -2.03
N ARG A 508 -10.68 15.50 -2.52
CA ARG A 508 -9.25 15.59 -2.72
C ARG A 508 -8.86 16.87 -3.55
N ALA A 509 -9.62 17.25 -4.60
CA ALA A 509 -9.35 18.46 -5.42
C ALA A 509 -9.40 19.67 -4.54
N ARG A 510 -10.34 19.75 -3.63
CA ARG A 510 -10.34 20.91 -2.81
C ARG A 510 -9.21 20.91 -1.81
N MET A 511 -8.87 19.73 -1.44
CA MET A 511 -7.72 19.55 -0.56
C MET A 511 -6.45 20.07 -1.21
N VAL A 512 -6.25 19.85 -2.46
CA VAL A 512 -5.12 20.30 -3.08
C VAL A 512 -5.09 21.81 -3.14
N ALA A 513 -6.27 22.42 -3.19
CA ALA A 513 -6.40 23.88 -3.35
C ALA A 513 -6.40 24.57 -2.04
N GLY A 514 -6.26 23.81 -0.95
CA GLY A 514 -6.01 24.48 0.30
C GLY A 514 -7.13 24.42 1.29
N ALA A 515 -8.18 23.64 1.04
CA ALA A 515 -9.28 23.58 1.94
C ALA A 515 -8.89 22.83 3.18
N ASN A 516 -9.34 23.23 4.35
CA ASN A 516 -9.07 22.47 5.54
C ASN A 516 -10.31 21.77 6.03
N PHE A 517 -11.48 22.08 5.48
CA PHE A 517 -12.72 21.45 5.90
C PHE A 517 -13.57 21.32 4.64
N TYR A 518 -14.22 20.18 4.50
CA TYR A 518 -14.91 19.72 3.35
C TYR A 518 -16.33 19.35 3.78
N ILE A 519 -17.22 20.16 3.35
CA ILE A 519 -18.64 20.03 3.72
C ILE A 519 -19.30 18.99 2.78
N VAL A 520 -19.94 18.00 3.37
CA VAL A 520 -20.59 16.91 2.62
C VAL A 520 -21.96 16.61 3.24
N GLY A 521 -23.03 16.69 2.43
CA GLY A 521 -24.33 16.16 2.90
C GLY A 521 -24.78 14.77 2.40
N ARG A 522 -26.08 14.67 2.08
CA ARG A 522 -26.63 13.44 1.63
C ARG A 522 -26.45 13.28 0.16
N ASP A 523 -26.19 12.05 -0.24
CA ASP A 523 -26.18 11.70 -1.65
C ASP A 523 -25.28 12.57 -2.54
N PRO A 524 -24.06 12.82 -2.07
CA PRO A 524 -23.24 13.74 -2.86
C PRO A 524 -22.94 13.12 -4.16
N ALA A 525 -22.92 13.91 -5.20
CA ALA A 525 -22.48 13.29 -6.46
C ALA A 525 -23.42 12.19 -6.95
N GLY A 526 -24.58 12.09 -6.38
CA GLY A 526 -25.43 11.12 -7.00
C GLY A 526 -26.52 11.57 -7.91
N MET A 527 -27.29 10.62 -8.36
CA MET A 527 -28.50 10.87 -9.23
C MET A 527 -29.39 9.60 -9.26
N PRO A 528 -30.60 9.73 -9.75
CA PRO A 528 -31.50 8.59 -9.96
C PRO A 528 -30.94 7.60 -10.92
N HIS A 529 -31.15 6.31 -10.69
CA HIS A 529 -30.75 5.28 -11.59
C HIS A 529 -31.65 5.54 -12.81
N PRO A 530 -31.10 5.56 -14.00
CA PRO A 530 -31.92 5.84 -15.20
C PRO A 530 -32.96 4.76 -15.47
N GLU A 531 -32.80 3.50 -15.09
CA GLU A 531 -33.76 2.47 -15.48
C GLU A 531 -34.86 2.35 -14.38
N THR A 532 -34.47 2.44 -13.11
CA THR A 532 -35.43 2.10 -12.03
C THR A 532 -36.01 3.31 -11.37
N GLY A 533 -35.35 4.41 -11.57
CA GLY A 533 -35.76 5.60 -10.82
C GLY A 533 -35.43 5.64 -9.33
N LYS A 534 -34.83 4.58 -8.76
CA LYS A 534 -34.44 4.82 -7.40
C LYS A 534 -33.05 5.54 -7.37
N ASP A 535 -32.66 5.98 -6.20
CA ASP A 535 -31.32 6.57 -6.10
C ASP A 535 -30.26 5.62 -6.55
N LEU A 536 -29.27 6.05 -7.32
CA LEU A 536 -28.26 5.12 -7.70
C LEU A 536 -27.50 4.59 -6.51
N TYR A 537 -27.26 5.44 -5.53
CA TYR A 537 -26.34 5.26 -4.44
C TYR A 537 -27.12 5.50 -3.22
N GLU A 538 -26.78 4.76 -2.22
CA GLU A 538 -27.33 4.96 -0.96
C GLU A 538 -26.89 6.31 -0.41
N PRO A 539 -27.76 7.05 0.25
CA PRO A 539 -27.48 8.46 0.56
C PRO A 539 -26.53 8.76 1.66
N SER A 540 -26.21 7.78 2.53
CA SER A 540 -25.29 8.01 3.50
C SER A 540 -23.96 7.50 3.05
N HIS A 541 -23.85 6.81 1.97
CA HIS A 541 -22.49 6.35 1.68
C HIS A 541 -21.44 7.34 1.32
N GLY A 542 -21.83 8.40 0.67
CA GLY A 542 -20.82 9.35 0.23
C GLY A 542 -20.05 9.79 1.45
N ALA A 543 -20.74 10.25 2.46
CA ALA A 543 -20.10 10.69 3.65
C ALA A 543 -19.36 9.59 4.34
N LYS A 544 -20.00 8.43 4.56
CA LYS A 544 -19.32 7.32 5.27
C LYS A 544 -18.03 6.96 4.52
N VAL A 545 -18.10 6.87 3.23
CA VAL A 545 -16.89 6.56 2.50
C VAL A 545 -15.84 7.65 2.62
N LEU A 546 -16.25 8.89 2.57
CA LEU A 546 -15.31 9.94 2.60
C LEU A 546 -14.60 9.98 3.90
N THR A 547 -15.28 9.80 4.98
CA THR A 547 -14.67 9.93 6.22
C THR A 547 -13.66 8.81 6.44
N MET A 548 -13.64 7.77 5.65
CA MET A 548 -12.62 6.75 5.98
C MET A 548 -11.71 6.45 4.86
N ALA A 549 -11.84 7.19 3.80
CA ALA A 549 -10.92 7.06 2.70
C ALA A 549 -9.52 7.43 2.90
N PRO A 550 -8.62 6.58 2.40
CA PRO A 550 -7.21 6.82 2.60
C PRO A 550 -6.75 8.08 1.82
N GLY A 551 -5.63 8.73 2.17
CA GLY A 551 -5.12 9.85 1.47
C GLY A 551 -5.70 11.20 1.77
N LEU A 552 -6.69 11.31 2.63
CA LEU A 552 -7.38 12.55 2.86
C LEU A 552 -7.01 13.14 4.21
N ILE A 553 -5.71 13.23 4.42
CA ILE A 553 -5.11 13.46 5.70
C ILE A 553 -5.11 14.94 6.09
N THR A 554 -4.96 15.91 5.18
CA THR A 554 -4.90 17.26 5.65
C THR A 554 -6.25 17.91 5.65
N LEU A 555 -7.39 17.18 5.65
CA LEU A 555 -8.66 18.01 5.75
C LEU A 555 -9.60 17.27 6.61
N GLU A 556 -10.55 17.96 7.22
CA GLU A 556 -11.51 17.31 8.05
C GLU A 556 -12.82 17.29 7.22
N ILE A 557 -13.45 16.14 7.24
CA ILE A 557 -14.78 15.96 6.69
C ILE A 557 -15.85 16.50 7.61
N VAL A 558 -16.69 17.39 7.05
CA VAL A 558 -17.76 17.97 7.91
C VAL A 558 -19.16 17.56 7.27
N PRO A 559 -19.68 16.49 7.75
CA PRO A 559 -20.86 15.86 7.21
C PRO A 559 -22.16 16.23 7.90
N PHE A 560 -23.16 16.23 7.08
CA PHE A 560 -24.47 16.74 7.49
C PHE A 560 -25.56 15.79 7.02
N ARG A 561 -26.61 15.70 7.82
CA ARG A 561 -27.89 15.17 7.40
C ARG A 561 -28.67 16.05 6.47
N VAL A 562 -29.76 15.46 5.94
CA VAL A 562 -30.56 16.08 4.92
C VAL A 562 -31.29 17.25 5.51
N ALA A 563 -31.26 18.36 4.84
CA ALA A 563 -32.05 19.53 5.21
C ALA A 563 -33.17 19.69 4.22
N ALA A 564 -34.26 20.21 4.69
CA ALA A 564 -35.49 20.44 3.93
C ALA A 564 -36.31 21.50 4.62
N TYR A 565 -37.27 21.98 3.86
CA TYR A 565 -38.07 23.13 4.33
C TYR A 565 -38.94 22.67 5.46
N ASN A 566 -38.76 23.26 6.59
CA ASN A 566 -39.61 22.97 7.70
C ASN A 566 -40.78 24.03 7.61
N LYS A 567 -42.02 23.52 7.73
CA LYS A 567 -43.24 24.30 7.38
C LYS A 567 -43.65 25.08 8.62
N LYS A 568 -43.71 24.41 9.75
CA LYS A 568 -43.80 25.12 11.04
C LYS A 568 -42.89 26.35 11.08
N LYS A 569 -41.55 26.14 11.21
CA LYS A 569 -40.61 27.23 11.55
C LYS A 569 -40.33 28.16 10.43
N LYS A 570 -40.85 27.84 9.26
CA LYS A 570 -40.71 28.68 8.06
C LYS A 570 -39.26 28.86 7.53
N ARG A 571 -38.42 27.83 7.66
CA ARG A 571 -37.06 27.86 7.13
C ARG A 571 -36.58 26.45 6.91
N MET A 572 -35.41 26.37 6.29
CA MET A 572 -34.72 25.09 6.10
C MET A 572 -34.19 24.68 7.46
N ASP A 573 -34.22 23.39 7.71
CA ASP A 573 -33.71 22.81 8.95
C ASP A 573 -33.42 21.35 8.66
N TYR A 574 -32.88 20.61 9.60
CA TYR A 574 -32.47 19.27 9.28
C TYR A 574 -33.70 18.45 9.41
N TYR A 575 -33.92 17.50 8.53
CA TYR A 575 -35.07 16.61 8.65
C TYR A 575 -35.01 15.65 9.83
N ASP A 576 -36.16 15.44 10.46
CA ASP A 576 -36.35 14.54 11.58
C ASP A 576 -37.53 13.56 11.31
N SER A 577 -37.34 12.31 11.75
CA SER A 577 -38.25 11.18 11.52
C SER A 577 -39.69 11.40 12.00
N GLU A 578 -39.85 11.57 13.31
CA GLU A 578 -41.10 12.10 13.82
C GLU A 578 -41.12 13.60 13.52
N HIS A 579 -41.45 13.91 12.28
CA HIS A 579 -42.10 15.14 11.91
C HIS A 579 -42.16 15.12 10.43
N HIS A 580 -42.09 13.91 9.87
CA HIS A 580 -42.15 13.69 8.45
C HIS A 580 -43.02 14.75 7.82
N GLU A 581 -44.05 15.22 8.53
CA GLU A 581 -45.11 16.11 7.96
C GLU A 581 -44.82 17.62 8.07
N ASP A 582 -44.02 18.03 9.06
CA ASP A 582 -43.45 19.42 9.09
C ASP A 582 -42.60 19.79 7.78
N PHE A 583 -42.07 18.78 7.09
CA PHE A 583 -40.98 18.98 6.14
C PHE A 583 -41.48 18.88 4.75
N GLU A 584 -41.22 19.89 3.94
CA GLU A 584 -41.46 19.81 2.49
C GLU A 584 -40.08 19.64 1.78
N PHE A 585 -39.98 18.64 0.91
CA PHE A 585 -38.90 18.50 -0.03
C PHE A 585 -39.22 19.17 -1.36
N ILE A 586 -38.39 20.08 -1.79
CA ILE A 586 -38.70 20.77 -3.00
C ILE A 586 -37.76 20.42 -4.15
N SER A 587 -38.17 19.48 -4.98
CA SER A 587 -37.30 18.95 -5.99
C SER A 587 -36.98 20.00 -7.05
N GLY A 588 -36.03 19.66 -7.92
CA GLY A 588 -35.75 20.47 -9.07
C GLY A 588 -36.95 20.48 -10.00
N THR A 589 -37.77 19.44 -9.96
CA THR A 589 -38.95 19.36 -10.81
C THR A 589 -40.07 20.20 -10.23
N ARG A 590 -40.09 20.35 -8.91
CA ARG A 590 -41.06 21.18 -8.26
C ARG A 590 -40.78 22.64 -8.52
N MET A 591 -39.50 23.05 -8.55
CA MET A 591 -39.16 24.44 -8.88
C MET A 591 -39.56 24.79 -10.31
N ARG A 592 -39.26 23.91 -11.26
CA ARG A 592 -39.58 24.19 -12.68
C ARG A 592 -41.07 24.42 -12.89
N LYS A 593 -41.80 23.65 -12.08
CA LYS A 593 -43.23 23.69 -11.99
C LYS A 593 -43.75 25.00 -11.38
N LEU A 594 -43.28 25.39 -10.20
CA LEU A 594 -43.62 26.70 -9.62
C LEU A 594 -43.29 27.94 -10.51
N ALA A 595 -42.09 27.98 -11.05
CA ALA A 595 -41.67 29.06 -11.91
C ALA A 595 -42.64 29.18 -13.07
N ARG A 596 -43.08 28.04 -13.60
CA ARG A 596 -43.92 28.01 -14.81
C ARG A 596 -45.41 28.38 -14.57
N GLU A 597 -45.97 27.86 -13.46
CA GLU A 597 -47.28 28.30 -12.93
C GLU A 597 -47.16 29.66 -12.21
N GLY A 598 -46.06 30.35 -12.52
CA GLY A 598 -45.71 31.65 -11.97
C GLY A 598 -45.65 31.82 -10.46
N GLN A 599 -45.65 30.73 -9.68
CA GLN A 599 -45.55 30.88 -8.25
C GLN A 599 -44.09 30.93 -7.71
N LYS A 600 -43.99 30.76 -6.40
CA LYS A 600 -42.76 30.94 -5.69
C LYS A 600 -42.67 29.74 -4.72
N PRO A 601 -41.45 29.18 -4.53
CA PRO A 601 -41.22 28.21 -3.44
C PRO A 601 -41.54 28.93 -2.11
N PRO A 602 -41.82 28.24 -1.04
CA PRO A 602 -42.06 28.95 0.22
C PRO A 602 -40.93 29.81 0.68
N GLU A 603 -41.31 30.67 1.61
CA GLU A 603 -40.46 31.76 2.11
C GLU A 603 -39.37 31.14 2.99
N GLY A 604 -38.09 31.24 2.58
CA GLY A 604 -37.00 30.70 3.40
C GLY A 604 -36.24 29.60 2.67
N PHE A 605 -36.81 29.17 1.57
CA PHE A 605 -36.27 28.15 0.72
C PHE A 605 -35.14 28.75 -0.07
N MET A 606 -35.31 29.84 -0.79
CA MET A 606 -34.25 30.38 -1.61
C MET A 606 -34.32 31.92 -1.60
N ALA A 607 -33.17 32.56 -1.43
CA ALA A 607 -33.12 34.00 -1.57
C ALA A 607 -33.94 34.43 -2.76
N PRO A 608 -34.88 35.33 -2.43
CA PRO A 608 -35.79 35.87 -3.46
C PRO A 608 -35.06 36.28 -4.73
N LYS A 609 -33.94 37.02 -4.66
CA LYS A 609 -33.29 37.46 -5.91
C LYS A 609 -32.75 36.24 -6.70
N ALA A 610 -32.37 35.20 -5.93
CA ALA A 610 -31.76 33.99 -6.49
C ALA A 610 -32.83 33.20 -7.18
N TRP A 611 -33.96 33.06 -6.47
CA TRP A 611 -35.19 32.61 -7.11
C TRP A 611 -35.51 33.26 -8.46
N THR A 612 -35.37 34.59 -8.55
CA THR A 612 -35.72 35.31 -9.74
C THR A 612 -34.79 34.88 -10.86
N VAL A 613 -33.49 34.77 -10.54
CA VAL A 613 -32.60 34.33 -11.58
C VAL A 613 -33.16 33.05 -12.11
N LEU A 614 -33.57 32.13 -11.24
CA LEU A 614 -34.05 30.85 -11.74
C LEU A 614 -35.28 30.93 -12.68
N THR A 615 -36.21 31.81 -12.26
CA THR A 615 -37.47 31.99 -13.06
C THR A 615 -37.05 32.42 -14.42
N GLU A 616 -36.07 33.32 -14.44
CA GLU A 616 -35.46 33.78 -15.68
C GLU A 616 -34.90 32.59 -16.42
N TYR A 617 -34.21 31.65 -15.69
CA TYR A 617 -33.64 30.47 -16.33
C TYR A 617 -34.77 29.64 -16.87
N TYR A 618 -35.67 29.28 -15.97
CA TYR A 618 -36.82 28.42 -16.33
C TYR A 618 -37.67 28.95 -17.53
N LYS A 619 -37.69 30.29 -17.67
CA LYS A 619 -38.37 31.02 -18.73
C LYS A 619 -37.69 30.66 -20.04
N SER A 620 -36.36 30.82 -20.17
CA SER A 620 -35.73 30.43 -21.46
C SER A 620 -35.72 28.92 -21.68
N LEU A 621 -35.91 28.14 -20.61
CA LEU A 621 -35.86 26.69 -20.74
C LEU A 621 -37.07 26.21 -21.55
N GLU A 622 -38.25 26.78 -21.27
CA GLU A 622 -39.46 26.37 -21.96
C GLU A 622 -39.44 27.11 -23.30
N LYS A 623 -39.02 26.39 -24.36
CA LYS A 623 -38.89 26.94 -25.73
C LYS A 623 -38.35 25.93 -26.78
N HIS B 34 18.62 11.24 21.45
CA HIS B 34 18.89 9.91 20.75
C HIS B 34 17.70 8.94 20.63
N VAL B 35 17.30 8.60 19.39
CA VAL B 35 16.11 7.71 19.15
C VAL B 35 16.28 6.36 19.87
N SER B 36 15.20 5.81 20.39
CA SER B 36 15.33 4.70 21.33
C SER B 36 15.40 3.39 20.55
N ARG B 37 15.81 2.38 21.28
CA ARG B 37 15.91 1.08 20.68
C ARG B 37 14.56 0.63 20.14
N ASN B 38 13.53 0.94 20.88
CA ASN B 38 12.23 0.41 20.60
C ASN B 38 11.77 1.09 19.27
N LYS B 39 12.14 2.33 19.07
CA LYS B 39 11.79 3.01 17.84
C LYS B 39 12.72 2.62 16.67
N ARG B 40 14.06 2.52 16.89
CA ARG B 40 15.00 2.08 15.83
C ARG B 40 14.51 0.71 15.46
N GLY B 41 14.06 -0.04 16.48
CA GLY B 41 13.64 -1.40 16.29
C GLY B 41 12.59 -1.48 15.22
N GLN B 42 11.54 -0.67 15.38
CA GLN B 42 10.44 -0.60 14.43
C GLN B 42 10.80 -0.28 13.01
N VAL B 43 11.97 0.27 12.71
CA VAL B 43 12.27 0.60 11.32
C VAL B 43 13.40 -0.18 10.75
N VAL B 44 14.14 -0.94 11.57
CA VAL B 44 15.38 -1.59 11.10
C VAL B 44 15.13 -2.62 10.00
N GLY B 45 14.16 -3.48 10.32
CA GLY B 45 13.68 -4.50 9.41
C GLY B 45 12.24 -4.30 8.94
N THR B 46 11.89 -5.15 7.99
CA THR B 46 10.52 -5.23 7.46
C THR B 46 9.65 -5.89 8.55
N ARG B 47 10.29 -6.59 9.49
CA ARG B 47 9.58 -7.25 10.55
C ARG B 47 9.22 -6.50 11.87
N GLY B 48 10.06 -5.65 12.46
CA GLY B 48 9.64 -4.99 13.70
C GLY B 48 9.73 -5.79 15.02
N GLY B 49 9.91 -5.08 16.14
CA GLY B 49 10.43 -5.64 17.37
C GLY B 49 11.93 -5.27 17.37
N PHE B 50 12.55 -5.02 18.54
CA PHE B 50 13.98 -4.78 18.62
C PHE B 50 14.68 -6.09 18.75
N ARG B 51 15.66 -6.30 17.89
CA ARG B 51 16.29 -7.59 17.91
C ARG B 51 17.79 -7.50 17.67
N GLY B 52 18.35 -6.33 17.99
CA GLY B 52 19.77 -6.20 18.19
C GLY B 52 20.39 -7.18 19.12
N CYS B 53 21.51 -7.72 18.72
CA CYS B 53 22.26 -8.62 19.54
C CYS B 53 23.58 -9.08 18.87
N THR B 54 24.42 -9.83 19.54
CA THR B 54 25.65 -10.21 18.88
C THR B 54 25.73 -11.68 18.98
N VAL B 55 25.97 -12.35 17.84
CA VAL B 55 26.30 -13.77 17.82
C VAL B 55 27.83 -13.89 17.75
N TRP B 56 28.46 -14.34 18.83
CA TRP B 56 29.88 -14.31 18.96
C TRP B 56 30.46 -15.73 18.83
N LEU B 57 31.05 -15.96 17.69
CA LEU B 57 31.55 -17.29 17.40
C LEU B 57 32.98 -17.31 17.95
N THR B 58 33.37 -18.46 18.48
CA THR B 58 34.72 -18.61 18.94
C THR B 58 35.17 -20.04 18.65
N GLY B 59 36.45 -20.21 18.44
CA GLY B 59 36.99 -21.54 18.26
C GLY B 59 38.03 -21.50 17.15
N LEU B 60 38.76 -22.59 17.05
CA LEU B 60 39.89 -22.71 16.14
C LEU B 60 39.58 -22.81 14.70
N SER B 61 38.52 -23.58 14.40
CA SER B 61 38.27 -24.03 13.01
C SER B 61 37.86 -22.81 12.24
N GLY B 62 38.62 -22.46 11.22
CA GLY B 62 38.34 -21.32 10.41
C GLY B 62 37.06 -21.65 9.57
N ALA B 63 37.00 -22.89 9.05
CA ALA B 63 35.94 -23.31 8.10
C ALA B 63 34.63 -23.45 8.87
N GLY B 64 34.68 -24.06 10.02
CA GLY B 64 33.59 -24.04 10.98
C GLY B 64 32.90 -22.69 11.08
N LYS B 65 33.69 -21.64 11.34
CA LYS B 65 33.14 -20.38 11.78
C LYS B 65 32.72 -19.66 10.55
N THR B 66 33.55 -19.78 9.49
CA THR B 66 33.25 -19.05 8.25
C THR B 66 31.99 -19.75 7.71
N THR B 67 31.88 -21.09 7.77
CA THR B 67 30.71 -21.73 7.12
C THR B 67 29.40 -21.36 7.83
N VAL B 68 29.38 -21.56 9.15
CA VAL B 68 28.28 -21.11 9.98
C VAL B 68 27.95 -19.59 9.82
N SER B 69 28.93 -18.70 9.71
CA SER B 69 28.55 -17.33 9.87
C SER B 69 27.93 -16.92 8.57
N MET B 70 28.50 -17.35 7.46
CA MET B 70 27.92 -17.15 6.10
C MET B 70 26.51 -17.70 6.02
N ALA B 71 26.34 -18.92 6.54
CA ALA B 71 25.05 -19.57 6.43
C ALA B 71 24.00 -18.89 7.37
N LEU B 72 24.44 -18.45 8.56
CA LEU B 72 23.58 -17.73 9.51
C LEU B 72 23.14 -16.47 8.83
N GLU B 73 24.10 -15.77 8.20
CA GLU B 73 23.86 -14.50 7.61
C GLU B 73 22.79 -14.65 6.52
N GLU B 74 23.05 -15.65 5.69
CA GLU B 74 22.11 -16.01 4.63
C GLU B 74 20.74 -16.31 5.13
N TYR B 75 20.64 -17.11 6.17
CA TYR B 75 19.38 -17.42 6.74
C TYR B 75 18.66 -16.20 7.28
N LEU B 76 19.36 -15.30 8.00
CA LEU B 76 18.77 -14.11 8.56
C LEU B 76 18.25 -13.19 7.49
N VAL B 77 19.06 -13.00 6.47
CA VAL B 77 18.60 -12.18 5.38
C VAL B 77 17.44 -12.84 4.62
N CYS B 78 17.46 -14.14 4.48
CA CYS B 78 16.32 -14.82 3.82
C CYS B 78 15.03 -14.61 4.61
N HIS B 79 15.19 -14.38 5.91
CA HIS B 79 14.09 -14.26 6.80
C HIS B 79 13.82 -12.85 7.32
N GLY B 80 14.20 -11.86 6.51
CA GLY B 80 13.86 -10.51 6.84
C GLY B 80 14.58 -9.93 8.11
N ILE B 81 15.70 -10.51 8.58
CA ILE B 81 16.38 -9.93 9.76
C ILE B 81 17.75 -9.29 9.43
N PRO B 82 17.86 -7.97 9.37
CA PRO B 82 19.17 -7.30 9.29
C PRO B 82 20.31 -7.87 10.16
N CYS B 83 21.44 -8.16 9.52
CA CYS B 83 22.60 -8.68 10.14
C CYS B 83 23.82 -8.16 9.42
N TYR B 84 24.94 -8.35 10.10
CA TYR B 84 26.22 -7.85 9.65
C TYR B 84 27.26 -8.67 10.38
N THR B 85 28.28 -9.06 9.58
CA THR B 85 29.29 -10.04 10.04
C THR B 85 30.64 -9.32 10.19
N LEU B 86 31.23 -9.37 11.35
CA LEU B 86 32.56 -8.84 11.50
C LEU B 86 33.47 -10.03 11.41
N ASP B 87 34.42 -9.95 10.54
CA ASP B 87 35.38 -11.08 10.46
C ASP B 87 36.79 -10.57 10.09
N GLY B 88 37.70 -11.50 9.83
CA GLY B 88 39.00 -11.14 9.30
C GLY B 88 39.00 -10.19 8.14
N ASP B 89 38.23 -10.56 7.13
CA ASP B 89 38.12 -9.75 5.93
C ASP B 89 37.57 -8.34 5.96
N ASN B 90 36.88 -7.91 7.02
CA ASN B 90 36.55 -6.53 7.01
C ASN B 90 37.15 -5.78 8.23
N ILE B 91 37.82 -6.47 9.13
CA ILE B 91 38.32 -5.82 10.36
C ILE B 91 39.82 -5.70 10.30
N ARG B 92 40.42 -6.84 9.90
CA ARG B 92 41.91 -6.95 9.88
C ARG B 92 42.56 -5.87 9.15
N GLN B 93 42.06 -5.50 8.01
CA GLN B 93 42.77 -4.49 7.25
C GLN B 93 42.08 -3.17 7.29
N GLY B 94 41.15 -2.95 8.25
CA GLY B 94 40.57 -1.64 8.39
C GLY B 94 40.71 -1.14 9.76
N LEU B 95 39.73 -1.45 10.57
CA LEU B 95 39.70 -0.97 11.86
C LEU B 95 40.96 -1.45 12.71
N ASN B 96 41.33 -2.73 12.57
CA ASN B 96 42.44 -3.33 13.29
C ASN B 96 43.74 -3.50 12.56
N LYS B 97 43.96 -2.68 11.58
CA LYS B 97 45.14 -2.81 10.79
C LYS B 97 46.43 -2.29 11.42
N ASN B 98 46.33 -1.46 12.46
CA ASN B 98 47.56 -0.95 13.11
C ASN B 98 47.81 -1.80 14.29
N LEU B 99 47.17 -2.99 14.32
CA LEU B 99 47.43 -3.98 15.35
C LEU B 99 48.12 -5.24 14.71
N GLY B 100 49.05 -5.86 15.50
CA GLY B 100 49.88 -6.94 15.08
C GLY B 100 49.66 -8.02 16.10
N PHE B 101 50.68 -8.86 16.31
CA PHE B 101 50.48 -10.10 17.02
C PHE B 101 50.93 -10.08 18.47
N SER B 102 51.44 -8.96 18.99
CA SER B 102 51.86 -8.88 20.40
C SER B 102 50.69 -9.26 21.30
N PRO B 103 50.90 -9.82 22.50
CA PRO B 103 49.70 -10.07 23.36
C PRO B 103 48.77 -8.85 23.56
N GLU B 104 49.31 -7.62 23.66
CA GLU B 104 48.54 -6.41 23.88
C GLU B 104 47.72 -6.08 22.63
N ASP B 105 48.35 -6.24 21.48
CA ASP B 105 47.67 -5.92 20.26
C ASP B 105 46.50 -6.89 20.02
N ARG B 106 46.60 -8.13 20.44
CA ARG B 106 45.55 -9.05 20.17
C ARG B 106 44.38 -8.77 21.12
N GLU B 107 44.71 -8.66 22.43
CA GLU B 107 43.76 -8.11 23.44
C GLU B 107 43.01 -6.93 22.87
N GLU B 108 43.76 -5.93 22.42
CA GLU B 108 43.08 -4.75 21.78
C GLU B 108 42.22 -5.01 20.48
N ASN B 109 42.73 -5.91 19.63
CA ASN B 109 41.99 -6.43 18.49
C ASN B 109 40.60 -6.91 18.91
N VAL B 110 40.52 -7.80 19.88
CA VAL B 110 39.27 -8.34 20.32
C VAL B 110 38.40 -7.35 21.05
N ARG B 111 38.99 -6.41 21.82
CA ARG B 111 38.28 -5.27 22.41
C ARG B 111 37.60 -4.36 21.38
N ARG B 112 38.33 -3.97 20.34
CA ARG B 112 37.77 -3.14 19.32
C ARG B 112 36.57 -3.88 18.60
N ILE B 113 36.71 -5.17 18.34
CA ILE B 113 35.65 -5.94 17.74
C ILE B 113 34.46 -5.98 18.67
N ALA B 114 34.66 -6.27 19.95
CA ALA B 114 33.53 -6.34 20.86
C ALA B 114 32.82 -4.97 20.93
N GLU B 115 33.54 -3.86 20.87
CA GLU B 115 32.86 -2.56 20.93
C GLU B 115 32.04 -2.24 19.69
N VAL B 116 32.55 -2.66 18.56
CA VAL B 116 31.94 -2.37 17.27
C VAL B 116 30.69 -3.21 17.16
N ALA B 117 30.75 -4.46 17.64
CA ALA B 117 29.62 -5.43 17.63
C ALA B 117 28.51 -4.85 18.51
N LYS B 118 28.91 -4.34 19.65
CA LYS B 118 28.00 -3.54 20.48
C LYS B 118 27.30 -2.48 19.74
N LEU B 119 28.01 -1.65 18.98
CA LEU B 119 27.34 -0.60 18.18
C LEU B 119 26.32 -1.23 17.22
N PHE B 120 26.67 -2.42 16.60
CA PHE B 120 25.65 -2.98 15.57
C PHE B 120 24.44 -3.54 16.30
N ALA B 121 24.63 -4.21 17.45
CA ALA B 121 23.57 -4.75 18.21
C ALA B 121 22.70 -3.57 18.72
N ASP B 122 23.33 -2.49 19.20
CA ASP B 122 22.56 -1.31 19.67
C ASP B 122 21.76 -0.73 18.49
N ALA B 123 22.31 -0.81 17.29
CA ALA B 123 21.66 -0.26 16.07
C ALA B 123 20.48 -1.12 15.54
N GLY B 124 20.33 -2.27 16.16
CA GLY B 124 19.21 -3.15 15.92
C GLY B 124 19.55 -4.27 14.94
N LEU B 125 20.84 -4.44 14.64
CA LEU B 125 21.21 -5.50 13.77
C LEU B 125 21.62 -6.71 14.57
N VAL B 126 21.43 -7.93 14.02
CA VAL B 126 22.13 -9.12 14.52
C VAL B 126 23.56 -9.06 14.00
N CYS B 127 24.52 -8.88 14.90
CA CYS B 127 25.90 -8.71 14.60
C CYS B 127 26.54 -10.02 14.79
N ILE B 128 27.15 -10.52 13.73
CA ILE B 128 27.74 -11.84 13.87
C ILE B 128 29.27 -11.64 13.84
N THR B 129 29.95 -12.22 14.82
CA THR B 129 31.40 -12.10 14.89
C THR B 129 32.10 -13.42 14.72
N SER B 130 33.08 -13.38 13.82
CA SER B 130 33.75 -14.62 13.53
C SER B 130 35.28 -14.49 13.77
N PHE B 131 35.75 -14.63 14.98
CA PHE B 131 37.19 -14.64 15.22
C PHE B 131 37.47 -15.76 16.18
N ILE B 132 38.66 -16.34 16.09
CA ILE B 132 38.99 -17.41 17.01
C ILE B 132 38.67 -17.07 18.48
N SER B 133 39.08 -15.86 18.86
CA SER B 133 38.92 -15.32 20.22
C SER B 133 39.24 -16.36 21.28
N PRO B 134 40.51 -16.78 21.37
CA PRO B 134 40.88 -17.90 22.20
C PRO B 134 40.78 -17.74 23.71
N TYR B 135 40.86 -16.52 24.22
CA TYR B 135 40.89 -16.44 25.68
C TYR B 135 39.58 -15.97 26.37
N THR B 136 39.18 -16.72 27.38
CA THR B 136 38.09 -16.43 28.34
C THR B 136 38.02 -14.94 28.77
N GLN B 137 39.10 -14.35 29.34
CA GLN B 137 39.14 -12.90 29.68
C GLN B 137 38.58 -11.98 28.63
N ASP B 138 39.10 -12.13 27.43
CA ASP B 138 38.62 -11.40 26.29
C ASP B 138 37.10 -11.60 25.86
N ARG B 139 36.64 -12.84 25.73
CA ARG B 139 35.24 -13.14 25.45
C ARG B 139 34.28 -12.69 26.60
N ASN B 140 34.66 -13.04 27.84
CA ASN B 140 34.00 -12.52 29.04
C ASN B 140 33.90 -10.97 29.01
N ASN B 141 34.93 -10.26 28.61
CA ASN B 141 34.86 -8.79 28.48
C ASN B 141 33.91 -8.34 27.42
N ALA B 142 34.00 -8.98 26.24
CA ALA B 142 33.10 -8.67 25.12
C ALA B 142 31.62 -8.87 25.54
N ARG B 143 31.33 -9.94 26.24
CA ARG B 143 30.03 -10.22 26.84
C ARG B 143 29.61 -9.07 27.73
N GLN B 144 30.45 -8.74 28.73
CA GLN B 144 30.22 -7.59 29.61
C GLN B 144 30.00 -6.24 28.89
N ILE B 145 30.68 -5.95 27.81
CA ILE B 145 30.40 -4.71 27.10
C ILE B 145 28.89 -4.75 26.68
N HIS B 146 28.39 -5.98 26.36
CA HIS B 146 27.04 -6.18 25.79
C HIS B 146 26.02 -6.19 26.89
N GLU B 147 26.24 -7.03 27.91
CA GLU B 147 25.29 -7.30 29.03
C GLU B 147 25.11 -6.06 29.93
N GLY B 148 26.11 -5.17 29.86
CA GLY B 148 26.18 -3.93 30.58
C GLY B 148 25.53 -2.82 29.80
N ALA B 149 25.24 -3.05 28.54
CA ALA B 149 24.39 -2.13 27.85
C ALA B 149 23.03 -2.79 27.50
N SER B 150 22.67 -3.87 28.21
CA SER B 150 21.42 -4.66 28.01
C SER B 150 21.19 -5.17 26.58
N LEU B 151 22.29 -5.59 25.96
CA LEU B 151 22.27 -6.26 24.65
C LEU B 151 22.61 -7.74 24.85
N PRO B 152 21.78 -8.57 24.28
CA PRO B 152 22.01 -9.98 24.32
C PRO B 152 23.34 -10.33 23.61
N PHE B 153 24.04 -11.26 24.23
CA PHE B 153 25.27 -11.74 23.66
C PHE B 153 25.24 -13.26 23.72
N PHE B 154 25.54 -13.89 22.59
CA PHE B 154 25.43 -15.33 22.45
C PHE B 154 26.80 -15.88 22.03
N GLU B 155 27.43 -16.55 22.96
CA GLU B 155 28.75 -17.13 22.76
C GLU B 155 28.57 -18.51 22.20
N VAL B 156 28.97 -18.66 20.95
CA VAL B 156 28.75 -19.88 20.23
C VAL B 156 30.10 -20.52 19.98
N PHE B 157 30.34 -21.65 20.62
CA PHE B 157 31.61 -22.37 20.58
C PHE B 157 31.62 -23.31 19.37
N VAL B 158 32.22 -22.87 18.29
CA VAL B 158 32.47 -23.74 17.16
C VAL B 158 33.60 -24.76 17.48
N ASP B 159 33.15 -25.93 17.94
CA ASP B 159 34.02 -26.94 18.51
C ASP B 159 34.32 -28.09 17.57
N ALA B 160 35.56 -28.17 17.12
CA ALA B 160 35.97 -29.19 16.15
C ALA B 160 37.47 -29.65 16.31
N PRO B 161 37.72 -30.76 17.04
CA PRO B 161 39.11 -31.26 17.35
C PRO B 161 40.06 -31.70 16.18
N GLU B 191 46.88 -23.06 23.32
CA GLU B 191 46.21 -22.42 24.43
C GLU B 191 44.84 -21.74 24.07
N TYR B 192 44.10 -22.25 23.09
CA TYR B 192 42.64 -21.95 23.05
C TYR B 192 41.91 -22.35 24.38
N GLU B 193 41.10 -21.47 24.93
CA GLU B 193 40.43 -21.78 26.25
C GLU B 193 39.00 -21.99 25.98
N LYS B 194 38.52 -23.21 26.02
CA LYS B 194 37.13 -23.48 25.70
C LYS B 194 36.29 -22.68 26.66
N PRO B 195 35.22 -22.06 26.18
CA PRO B 195 34.18 -21.46 27.02
C PRO B 195 33.55 -22.41 28.06
N GLU B 196 33.42 -22.00 29.32
CA GLU B 196 32.85 -22.82 30.42
C GLU B 196 31.30 -22.89 30.30
N ALA B 197 30.69 -21.78 29.88
CA ALA B 197 29.23 -21.69 29.81
C ALA B 197 28.74 -20.97 28.53
N PRO B 198 29.04 -21.56 27.35
CA PRO B 198 28.61 -20.97 26.12
C PRO B 198 27.14 -21.36 26.02
N GLU B 199 26.40 -20.55 25.28
CA GLU B 199 25.03 -20.79 25.05
C GLU B 199 24.81 -21.90 23.99
N LEU B 200 25.77 -22.07 23.09
CA LEU B 200 25.68 -23.12 22.08
C LEU B 200 27.05 -23.69 21.78
N VAL B 201 27.08 -25.02 21.62
CA VAL B 201 28.19 -25.80 21.21
C VAL B 201 27.83 -26.40 19.86
N LEU B 202 28.49 -25.86 18.84
CA LEU B 202 28.36 -26.29 17.46
C LEU B 202 29.50 -27.29 17.05
N LYS B 203 29.17 -28.58 16.81
CA LYS B 203 30.17 -29.59 16.47
C LYS B 203 30.27 -29.63 14.95
N THR B 204 30.98 -28.68 14.38
CA THR B 204 30.99 -28.55 12.94
C THR B 204 31.65 -29.73 12.19
N ASP B 205 32.55 -30.43 12.85
CA ASP B 205 33.14 -31.62 12.23
C ASP B 205 32.13 -32.78 12.12
N SER B 206 31.10 -32.77 12.97
CA SER B 206 30.23 -33.92 13.10
C SER B 206 28.77 -33.71 12.54
N CYS B 207 28.29 -32.46 12.42
CA CYS B 207 27.08 -32.15 11.59
C CYS B 207 27.30 -31.10 10.58
N ASP B 208 26.37 -31.09 9.62
CA ASP B 208 26.43 -30.19 8.48
C ASP B 208 26.12 -28.74 8.89
N VAL B 209 26.43 -27.85 7.97
CA VAL B 209 26.29 -26.44 8.21
C VAL B 209 24.84 -26.07 8.48
N ASN B 210 23.92 -26.58 7.67
CA ASN B 210 22.49 -26.29 7.85
C ASN B 210 21.90 -26.69 9.20
N ASP B 211 22.45 -27.74 9.83
CA ASP B 211 21.99 -28.25 11.15
C ASP B 211 22.51 -27.36 12.23
N CYS B 212 23.76 -26.92 12.04
CA CYS B 212 24.39 -25.93 12.92
C CYS B 212 23.61 -24.68 12.93
N VAL B 213 23.31 -24.19 11.74
CA VAL B 213 22.66 -22.91 11.59
C VAL B 213 21.28 -22.93 12.20
N GLN B 214 20.58 -24.08 12.08
CA GLN B 214 19.34 -24.42 12.78
C GLN B 214 19.42 -24.35 14.29
N GLN B 215 20.50 -24.89 14.84
CA GLN B 215 20.75 -24.75 16.26
C GLN B 215 20.91 -23.29 16.67
N VAL B 216 21.50 -22.47 15.82
CA VAL B 216 21.66 -21.11 16.21
C VAL B 216 20.31 -20.44 16.17
N VAL B 217 19.58 -20.76 15.12
CA VAL B 217 18.31 -20.16 14.83
C VAL B 217 17.33 -20.49 15.95
N GLU B 218 17.35 -21.73 16.42
CA GLU B 218 16.51 -22.13 17.53
C GLU B 218 16.82 -21.30 18.70
N LEU B 219 18.10 -21.14 19.01
CA LEU B 219 18.47 -20.39 20.20
C LEU B 219 17.97 -18.96 20.08
N LEU B 220 18.07 -18.41 18.89
CA LEU B 220 17.70 -17.03 18.70
C LEU B 220 16.15 -16.92 18.81
N GLN B 221 15.46 -18.04 18.55
CA GLN B 221 13.98 -18.05 18.69
C GLN B 221 13.63 -18.07 20.16
N GLU B 222 14.35 -18.86 20.90
CA GLU B 222 14.18 -18.96 22.31
C GLU B 222 14.38 -17.64 23.06
N ARG B 223 15.37 -16.85 22.66
CA ARG B 223 15.70 -15.60 23.32
C ARG B 223 15.03 -14.42 22.61
N ASP B 224 14.03 -14.69 21.76
CA ASP B 224 13.15 -13.67 21.10
C ASP B 224 13.89 -12.69 20.17
N ILE B 225 14.83 -13.20 19.43
CA ILE B 225 15.46 -12.42 18.40
C ILE B 225 14.84 -12.76 17.06
N VAL B 226 14.78 -14.03 16.77
CA VAL B 226 14.15 -14.47 15.53
C VAL B 226 12.70 -14.94 15.99
N PRO B 227 11.69 -14.34 15.39
CA PRO B 227 10.30 -14.68 15.69
C PRO B 227 10.06 -16.16 15.38
N VAL B 228 9.31 -16.86 16.26
CA VAL B 228 9.01 -18.28 16.07
C VAL B 228 8.25 -18.58 14.74
N ASP B 229 7.76 -17.49 14.13
CA ASP B 229 6.49 -17.33 13.38
C ASP B 229 6.50 -16.53 12.02
N ALA B 230 6.99 -15.29 12.09
CA ALA B 230 6.26 -14.06 11.73
C ALA B 230 5.30 -14.00 10.50
N SER B 231 4.47 -15.01 10.41
CA SER B 231 3.18 -14.83 9.72
C SER B 231 2.17 -13.96 10.63
N TYR B 232 1.43 -13.12 9.92
CA TYR B 232 0.13 -12.59 10.37
C TYR B 232 -0.68 -13.52 11.36
N GLU B 233 -0.91 -13.08 12.58
CA GLU B 233 -1.59 -13.98 13.56
C GLU B 233 -3.05 -14.37 13.19
N VAL B 234 -3.42 -15.63 13.21
CA VAL B 234 -4.75 -16.04 12.76
C VAL B 234 -5.81 -15.80 13.82
N LYS B 235 -6.95 -15.19 13.53
CA LYS B 235 -8.03 -15.14 14.47
C LYS B 235 -9.12 -16.09 14.06
N GLU B 236 -9.20 -17.23 14.73
CA GLU B 236 -10.29 -18.14 14.57
C GLU B 236 -11.49 -17.67 15.22
N LEU B 237 -12.63 -17.98 14.66
CA LEU B 237 -13.89 -17.57 15.29
C LEU B 237 -14.60 -18.76 15.94
N TYR B 238 -13.96 -19.91 15.97
CA TYR B 238 -14.58 -21.06 16.61
C TYR B 238 -14.62 -20.78 18.15
N VAL B 239 -15.66 -21.17 18.85
CA VAL B 239 -15.52 -21.14 20.33
C VAL B 239 -14.53 -22.18 20.79
N PRO B 240 -13.69 -21.86 21.80
CA PRO B 240 -12.66 -22.79 22.25
C PRO B 240 -13.35 -24.04 22.76
N GLU B 241 -12.72 -25.19 22.69
CA GLU B 241 -13.46 -26.48 22.96
C GLU B 241 -14.01 -26.55 24.41
N ASN B 242 -13.34 -25.84 25.34
CA ASN B 242 -13.80 -25.86 26.74
C ASN B 242 -15.15 -25.10 26.89
N LYS B 243 -15.48 -24.17 25.97
CA LYS B 243 -16.77 -23.48 26.04
C LYS B 243 -17.92 -23.97 25.16
N LEU B 244 -17.68 -25.09 24.48
CA LEU B 244 -18.59 -25.55 23.43
C LEU B 244 -19.95 -26.01 23.85
N HIS B 245 -19.95 -26.97 24.80
CA HIS B 245 -21.18 -27.57 25.18
C HIS B 245 -22.08 -26.45 25.71
N LEU B 246 -21.49 -25.57 26.49
CA LEU B 246 -22.24 -24.41 26.98
C LEU B 246 -22.81 -23.55 25.88
N ALA B 247 -21.99 -23.35 24.85
CA ALA B 247 -22.36 -22.41 23.80
C ALA B 247 -23.40 -23.07 22.96
N LYS B 248 -23.32 -24.36 22.86
CA LYS B 248 -24.39 -25.11 22.18
C LYS B 248 -25.70 -25.01 22.88
N THR B 249 -25.64 -25.04 24.22
CA THR B 249 -26.87 -24.81 25.03
C THR B 249 -27.40 -23.42 24.91
N ASP B 250 -26.52 -22.46 25.04
CA ASP B 250 -26.98 -21.11 24.83
C ASP B 250 -27.64 -20.91 23.46
N ALA B 251 -27.04 -21.48 22.40
CA ALA B 251 -27.57 -21.38 21.01
C ALA B 251 -28.95 -21.85 20.83
N GLU B 252 -29.27 -22.84 21.63
CA GLU B 252 -30.61 -23.45 21.66
C GLU B 252 -31.77 -22.53 22.10
N THR B 253 -31.50 -21.67 23.09
CA THR B 253 -32.42 -20.62 23.52
C THR B 253 -32.72 -19.44 22.54
N LEU B 254 -32.03 -19.33 21.36
CA LEU B 254 -32.08 -18.08 20.53
C LEU B 254 -32.91 -18.24 19.32
N PRO B 255 -33.33 -17.16 18.70
CA PRO B 255 -33.98 -17.39 17.42
C PRO B 255 -32.89 -17.93 16.44
N ALA B 256 -33.35 -18.43 15.31
CA ALA B 256 -32.53 -19.17 14.40
C ALA B 256 -32.74 -18.60 13.04
N LEU B 257 -31.65 -18.63 12.27
CA LEU B 257 -31.71 -18.29 10.84
C LEU B 257 -31.06 -19.46 10.14
N LYS B 258 -31.80 -20.00 9.18
CA LYS B 258 -31.41 -21.16 8.44
C LYS B 258 -30.48 -20.68 7.35
N ILE B 259 -29.38 -21.35 7.14
CA ILE B 259 -28.53 -20.88 6.13
C ILE B 259 -28.28 -22.00 5.17
N ASN B 260 -27.81 -21.70 3.97
CA ASN B 260 -27.53 -22.77 3.00
C ASN B 260 -26.11 -23.17 2.91
N LYS B 261 -25.79 -24.03 1.95
CA LYS B 261 -24.45 -24.66 1.92
C LYS B 261 -23.38 -23.66 1.63
N VAL B 262 -23.64 -22.71 0.69
CA VAL B 262 -22.59 -21.71 0.40
C VAL B 262 -22.34 -20.83 1.65
N ASP B 263 -23.39 -20.44 2.33
CA ASP B 263 -23.24 -19.66 3.50
C ASP B 263 -22.44 -20.41 4.51
N MET B 264 -22.65 -21.74 4.55
CA MET B 264 -21.90 -22.62 5.55
C MET B 264 -20.47 -22.73 5.17
N GLN B 265 -20.16 -22.72 3.88
CA GLN B 265 -18.79 -22.56 3.46
C GLN B 265 -18.07 -21.30 3.91
N TRP B 266 -18.76 -20.18 3.91
CA TRP B 266 -18.22 -18.96 4.30
C TRP B 266 -18.13 -18.95 5.83
N VAL B 267 -19.04 -19.64 6.49
CA VAL B 267 -18.99 -19.79 7.95
C VAL B 267 -17.71 -20.50 8.22
N GLN B 268 -17.34 -21.45 7.40
CA GLN B 268 -16.04 -22.10 7.59
C GLN B 268 -14.91 -21.25 7.35
N VAL B 269 -15.02 -20.38 6.33
CA VAL B 269 -13.91 -19.50 6.00
C VAL B 269 -13.67 -18.62 7.21
N LEU B 270 -14.72 -18.14 7.83
CA LEU B 270 -14.58 -17.26 8.96
C LEU B 270 -14.03 -17.98 10.18
N ALA B 271 -14.69 -19.09 10.49
CA ALA B 271 -14.32 -19.93 11.68
C ALA B 271 -12.92 -20.22 11.75
N GLU B 272 -12.35 -20.64 10.65
CA GLU B 272 -10.92 -20.99 10.66
C GLU B 272 -9.89 -19.86 10.59
N GLY B 273 -10.34 -18.62 10.33
CA GLY B 273 -9.47 -17.47 10.37
C GLY B 273 -9.00 -16.91 9.05
N TRP B 274 -9.51 -17.46 7.93
CA TRP B 274 -8.94 -17.02 6.63
C TRP B 274 -9.18 -15.52 6.36
N ALA B 275 -10.24 -14.99 6.97
CA ALA B 275 -10.57 -13.58 6.88
C ALA B 275 -10.15 -12.75 8.06
N THR B 276 -9.16 -13.21 8.81
CA THR B 276 -8.47 -12.42 9.86
C THR B 276 -8.16 -11.05 9.35
N PRO B 277 -8.59 -9.97 10.01
CA PRO B 277 -9.14 -9.96 11.37
C PRO B 277 -10.57 -9.71 11.56
N LEU B 278 -11.41 -10.12 10.65
CA LEU B 278 -12.81 -9.95 10.86
C LEU B 278 -13.27 -10.69 12.10
N ASN B 279 -14.24 -10.14 12.76
CA ASN B 279 -14.82 -10.81 13.95
C ASN B 279 -16.05 -11.53 13.63
N GLY B 280 -16.48 -11.47 12.35
CA GLY B 280 -17.65 -12.16 11.93
C GLY B 280 -18.04 -11.70 10.58
N PHE B 281 -19.30 -11.91 10.19
CA PHE B 281 -19.78 -11.34 8.90
C PHE B 281 -19.64 -9.84 8.89
N MET B 282 -19.29 -9.26 7.75
CA MET B 282 -18.94 -7.84 7.68
C MET B 282 -20.13 -6.93 8.06
N ARG B 283 -19.80 -5.99 8.91
CA ARG B 283 -20.64 -4.88 9.27
C ARG B 283 -20.46 -3.89 8.13
N GLU B 284 -21.32 -2.91 8.09
CA GLU B 284 -21.34 -1.97 7.00
C GLU B 284 -20.06 -1.32 6.69
N ARG B 285 -19.47 -0.82 7.70
CA ARG B 285 -18.23 -0.08 7.49
C ARG B 285 -17.20 -0.99 6.82
N GLU B 286 -17.10 -2.27 7.23
CA GLU B 286 -16.12 -3.13 6.61
C GLU B 286 -16.45 -3.48 5.14
N TYR B 287 -17.71 -3.68 4.87
CA TYR B 287 -18.26 -3.91 3.55
C TYR B 287 -17.94 -2.78 2.58
N LEU B 288 -18.11 -1.56 3.06
CA LEU B 288 -17.79 -0.37 2.25
C LEU B 288 -16.31 -0.24 2.06
N GLN B 289 -15.47 -0.56 3.04
CA GLN B 289 -14.01 -0.49 2.89
C GLN B 289 -13.57 -1.51 1.85
N CYS B 290 -14.15 -2.68 1.94
CA CYS B 290 -13.77 -3.76 1.11
C CYS B 290 -14.18 -3.49 -0.37
N LEU B 291 -15.39 -3.03 -0.55
CA LEU B 291 -15.82 -2.69 -1.95
C LEU B 291 -15.12 -1.47 -2.58
N HIS B 292 -14.91 -0.40 -1.81
CA HIS B 292 -14.23 0.85 -2.34
C HIS B 292 -12.73 0.81 -2.39
N PHE B 293 -12.05 0.08 -1.49
CA PHE B 293 -10.63 0.21 -1.20
C PHE B 293 -9.87 -1.16 -1.23
N ASP B 294 -10.63 -2.25 -1.36
CA ASP B 294 -10.06 -3.60 -1.36
C ASP B 294 -9.30 -3.92 -0.06
N CYS B 295 -9.54 -3.15 1.02
CA CYS B 295 -8.80 -3.40 2.23
C CYS B 295 -9.67 -3.05 3.37
N LEU B 296 -9.38 -3.64 4.51
CA LEU B 296 -9.86 -3.13 5.76
C LEU B 296 -8.82 -2.13 6.19
N LEU B 297 -9.27 -1.10 6.89
CA LEU B 297 -8.46 0.01 7.21
C LEU B 297 -8.38 0.29 8.67
N ASP B 298 -9.37 -0.13 9.41
CA ASP B 298 -9.44 0.25 10.83
C ASP B 298 -8.31 -0.50 11.59
N GLY B 299 -7.39 0.26 12.13
CA GLY B 299 -6.28 -0.33 12.83
C GLY B 299 -5.22 -0.92 11.94
N GLY B 300 -4.99 -0.33 10.76
CA GLY B 300 -4.05 -0.91 9.82
C GLY B 300 -4.72 -1.43 8.54
N VAL B 301 -3.96 -1.29 7.49
CA VAL B 301 -4.41 -1.61 6.15
C VAL B 301 -4.16 -3.10 6.05
N ILE B 302 -5.23 -3.86 5.80
CA ILE B 302 -4.96 -5.17 5.26
C ILE B 302 -5.84 -5.55 4.18
N ASN B 303 -5.28 -6.23 3.20
CA ASN B 303 -6.04 -6.62 2.02
C ASN B 303 -7.26 -7.53 2.32
N LEU B 304 -8.41 -7.09 1.89
CA LEU B 304 -9.65 -7.88 1.88
C LEU B 304 -10.61 -7.28 0.87
N SER B 305 -10.67 -7.93 -0.28
CA SER B 305 -11.25 -7.41 -1.47
C SER B 305 -12.56 -8.04 -1.88
N VAL B 306 -13.06 -9.06 -1.17
CA VAL B 306 -14.36 -9.64 -1.41
C VAL B 306 -15.28 -9.52 -0.21
N PRO B 307 -16.55 -9.18 -0.41
CA PRO B 307 -17.48 -9.12 0.77
C PRO B 307 -17.62 -10.47 1.44
N ILE B 308 -17.50 -10.54 2.76
CA ILE B 308 -17.77 -11.75 3.49
C ILE B 308 -19.03 -11.45 4.35
N VAL B 309 -20.18 -11.82 3.83
CA VAL B 309 -21.43 -11.31 4.34
C VAL B 309 -22.46 -12.38 4.41
N LEU B 310 -23.44 -12.21 5.28
CA LEU B 310 -24.62 -12.99 5.42
C LEU B 310 -25.83 -12.17 4.99
N THR B 311 -26.65 -12.76 4.14
CA THR B 311 -27.79 -12.09 3.55
C THR B 311 -29.07 -12.56 4.24
N ALA B 312 -30.10 -11.74 4.14
CA ALA B 312 -31.40 -12.05 4.78
C ALA B 312 -32.48 -11.36 4.00
N THR B 313 -33.68 -11.98 4.07
CA THR B 313 -34.87 -11.43 3.41
C THR B 313 -35.43 -10.37 4.25
N HIS B 314 -36.26 -9.58 3.65
CA HIS B 314 -37.04 -8.62 4.45
C HIS B 314 -37.75 -9.25 5.68
N GLU B 315 -38.36 -10.40 5.46
CA GLU B 315 -39.08 -11.19 6.47
C GLU B 315 -38.17 -11.58 7.66
N ASP B 316 -36.99 -12.07 7.31
CA ASP B 316 -36.03 -12.50 8.33
C ASP B 316 -35.42 -11.33 9.08
N LYS B 317 -35.09 -10.28 8.37
CA LYS B 317 -34.69 -9.04 9.00
C LYS B 317 -35.70 -8.55 9.99
N GLU B 318 -36.98 -8.43 9.59
CA GLU B 318 -38.01 -7.94 10.54
C GLU B 318 -38.11 -8.80 11.77
N ARG B 319 -38.08 -10.09 11.55
CA ARG B 319 -38.16 -11.06 12.62
C ARG B 319 -37.00 -10.97 13.58
N LEU B 320 -35.81 -10.67 13.07
CA LEU B 320 -34.59 -10.71 13.86
C LEU B 320 -33.98 -9.37 14.28
N ASP B 321 -34.28 -8.29 13.59
CA ASP B 321 -33.68 -7.01 13.87
C ASP B 321 -34.34 -6.70 15.22
N GLY B 322 -33.57 -6.23 16.21
CA GLY B 322 -34.07 -6.17 17.57
C GLY B 322 -33.32 -7.13 18.48
N CYS B 323 -33.07 -8.34 18.01
CA CYS B 323 -32.42 -9.39 18.81
C CYS B 323 -30.92 -9.13 18.97
N THR B 324 -30.35 -9.52 20.11
CA THR B 324 -28.92 -9.29 20.32
C THR B 324 -28.03 -10.49 19.95
N ALA B 325 -28.66 -11.62 19.67
CA ALA B 325 -27.95 -12.78 19.17
C ALA B 325 -28.91 -13.75 18.55
N PHE B 326 -28.49 -14.39 17.50
CA PHE B 326 -29.26 -15.45 16.93
C PHE B 326 -28.35 -16.54 16.43
N ALA B 327 -28.94 -17.69 16.24
CA ALA B 327 -28.17 -18.83 15.86
C ALA B 327 -28.34 -19.09 14.40
N LEU B 328 -27.23 -19.48 13.79
CA LEU B 328 -27.26 -20.01 12.44
C LEU B 328 -27.50 -21.50 12.42
N MET B 329 -28.38 -21.89 11.52
CA MET B 329 -28.84 -23.27 11.42
C MET B 329 -28.60 -23.82 10.02
N TYR B 330 -27.70 -24.82 9.91
CA TYR B 330 -27.45 -25.58 8.72
C TYR B 330 -27.86 -27.01 8.93
N GLU B 331 -28.74 -27.52 8.07
CA GLU B 331 -29.33 -28.91 8.14
C GLU B 331 -29.83 -29.31 9.52
N GLY B 332 -30.56 -28.42 10.17
CA GLY B 332 -31.20 -28.68 11.46
C GLY B 332 -30.28 -28.51 12.66
N ARG B 333 -28.99 -28.27 12.42
CA ARG B 333 -28.03 -28.09 13.40
C ARG B 333 -27.73 -26.61 13.57
N ARG B 334 -27.67 -26.19 14.83
CA ARG B 334 -27.17 -24.83 15.16
C ARG B 334 -25.65 -24.77 15.08
N VAL B 335 -25.06 -24.07 14.10
CA VAL B 335 -23.62 -24.19 13.79
C VAL B 335 -22.83 -22.99 14.26
N ALA B 336 -23.53 -21.88 14.62
CA ALA B 336 -22.96 -20.58 15.00
C ALA B 336 -23.99 -19.68 15.68
N ILE B 337 -23.47 -18.73 16.47
CA ILE B 337 -24.23 -17.60 16.91
C ILE B 337 -23.62 -16.37 16.34
N LEU B 338 -24.48 -15.55 15.76
CA LEU B 338 -24.14 -14.20 15.46
C LEU B 338 -24.70 -13.24 16.54
N ARG B 339 -23.80 -12.49 17.14
CA ARG B 339 -24.05 -11.50 18.18
C ARG B 339 -23.93 -10.06 17.72
N ASN B 340 -24.79 -9.20 18.32
CA ASN B 340 -24.78 -7.77 18.05
C ASN B 340 -24.85 -7.51 16.65
N PRO B 341 -25.87 -8.08 16.03
CA PRO B 341 -26.03 -8.00 14.57
C PRO B 341 -26.39 -6.61 14.09
N GLU B 342 -25.97 -6.24 12.88
CA GLU B 342 -26.51 -5.06 12.24
C GLU B 342 -26.92 -5.40 10.83
N PHE B 343 -27.97 -4.72 10.41
CA PHE B 343 -28.68 -4.95 9.22
C PHE B 343 -28.40 -3.72 8.35
N PHE B 344 -28.05 -3.95 7.10
CA PHE B 344 -27.77 -2.81 6.17
C PHE B 344 -28.12 -3.36 4.87
N GLU B 345 -28.35 -2.51 3.95
CA GLU B 345 -28.84 -2.87 2.70
C GLU B 345 -27.87 -3.66 1.83
N HIS B 346 -28.40 -4.67 1.23
CA HIS B 346 -27.74 -5.39 0.12
C HIS B 346 -28.21 -4.71 -1.19
N ARG B 347 -27.35 -3.78 -1.61
CA ARG B 347 -27.45 -3.14 -2.90
C ARG B 347 -26.73 -4.01 -3.90
N LYS B 348 -27.47 -4.81 -4.58
CA LYS B 348 -26.91 -5.92 -5.32
C LYS B 348 -26.29 -5.53 -6.50
N GLU B 349 -26.96 -4.63 -7.21
CA GLU B 349 -26.40 -4.19 -8.47
C GLU B 349 -25.06 -3.52 -8.19
N GLU B 350 -25.01 -2.55 -7.32
CA GLU B 350 -23.71 -1.91 -7.01
C GLU B 350 -22.60 -2.90 -6.51
N ARG B 351 -23.04 -3.83 -5.70
CA ARG B 351 -22.13 -4.82 -5.12
C ARG B 351 -21.51 -5.59 -6.22
N CYS B 352 -22.35 -6.17 -7.01
CA CYS B 352 -21.92 -6.88 -8.16
C CYS B 352 -21.03 -6.14 -9.04
N ALA B 353 -21.42 -4.93 -9.36
CA ALA B 353 -20.63 -4.16 -10.38
C ALA B 353 -19.22 -3.90 -9.82
N ARG B 354 -19.15 -3.49 -8.58
CA ARG B 354 -17.84 -3.17 -7.96
C ARG B 354 -17.04 -4.39 -7.73
N GLN B 355 -17.65 -5.57 -7.29
CA GLN B 355 -16.84 -6.83 -6.99
C GLN B 355 -16.44 -7.55 -8.19
N TRP B 356 -17.32 -7.61 -9.23
CA TRP B 356 -17.02 -8.34 -10.38
C TRP B 356 -16.61 -7.48 -11.64
N GLY B 357 -16.77 -6.17 -11.62
CA GLY B 357 -16.61 -5.36 -12.85
C GLY B 357 -17.58 -5.70 -14.01
N THR B 358 -18.77 -6.14 -13.64
CA THR B 358 -19.89 -6.49 -14.51
C THR B 358 -21.05 -6.74 -13.66
N THR B 359 -22.25 -6.54 -14.15
CA THR B 359 -23.46 -7.05 -13.50
C THR B 359 -24.15 -8.22 -14.24
N CYS B 360 -23.47 -8.83 -15.21
CA CYS B 360 -23.98 -9.91 -16.04
C CYS B 360 -24.77 -10.97 -15.23
N LYS B 361 -26.07 -10.99 -15.44
CA LYS B 361 -26.96 -11.86 -14.69
C LYS B 361 -26.63 -13.34 -14.92
N ASN B 362 -25.96 -13.73 -15.98
CA ASN B 362 -25.60 -15.09 -16.05
C ASN B 362 -24.26 -15.50 -15.48
N HIS B 363 -23.56 -14.57 -14.79
CA HIS B 363 -22.36 -14.93 -14.17
C HIS B 363 -22.88 -15.88 -13.02
N PRO B 364 -22.29 -17.03 -12.86
CA PRO B 364 -22.84 -18.00 -11.91
C PRO B 364 -22.81 -17.64 -10.45
N TYR B 365 -21.89 -16.79 -9.95
CA TYR B 365 -21.99 -16.36 -8.59
C TYR B 365 -22.87 -15.14 -8.58
N ILE B 366 -22.78 -14.28 -9.58
CA ILE B 366 -23.69 -13.13 -9.59
C ILE B 366 -25.13 -13.61 -9.56
N LYS B 367 -25.41 -14.68 -10.28
CA LYS B 367 -26.78 -15.20 -10.28
C LYS B 367 -27.31 -15.59 -8.88
N MET B 368 -26.42 -16.19 -8.10
CA MET B 368 -26.81 -16.47 -6.70
C MET B 368 -26.95 -15.27 -5.87
N VAL B 369 -26.04 -14.29 -6.01
CA VAL B 369 -26.22 -13.07 -5.23
C VAL B 369 -27.52 -12.37 -5.62
N MET B 370 -27.86 -12.40 -6.89
CA MET B 370 -29.13 -11.75 -7.21
C MET B 370 -30.36 -12.47 -6.59
N GLU B 371 -30.29 -13.75 -6.27
CA GLU B 371 -31.44 -14.43 -5.64
C GLU B 371 -31.52 -14.23 -4.14
N GLN B 372 -30.53 -13.55 -3.52
CA GLN B 372 -30.41 -13.56 -2.06
C GLN B 372 -31.25 -12.40 -1.60
N GLY B 373 -31.42 -12.20 -0.32
CA GLY B 373 -32.27 -11.12 0.15
C GLY B 373 -31.64 -9.75 0.10
N ASP B 374 -32.45 -8.71 0.38
CA ASP B 374 -31.96 -7.33 0.25
C ASP B 374 -31.38 -6.81 1.50
N TRP B 375 -31.24 -7.64 2.56
CA TRP B 375 -30.38 -7.23 3.69
C TRP B 375 -29.08 -8.01 3.84
N LEU B 376 -28.12 -7.39 4.45
CA LEU B 376 -26.92 -8.02 4.94
C LEU B 376 -26.93 -7.90 6.40
N ILE B 377 -26.29 -8.84 7.08
CA ILE B 377 -26.24 -8.90 8.56
C ILE B 377 -24.78 -9.03 8.93
N GLY B 378 -24.27 -7.99 9.57
CA GLY B 378 -22.95 -8.06 10.11
C GLY B 378 -23.04 -8.36 11.59
N GLY B 379 -21.99 -8.87 12.13
CA GLY B 379 -21.96 -9.17 13.57
C GLY B 379 -20.75 -10.00 14.01
N ASP B 380 -20.76 -10.37 15.28
CA ASP B 380 -19.71 -11.12 15.85
C ASP B 380 -20.14 -12.60 15.80
N LEU B 381 -19.31 -13.41 15.16
CA LEU B 381 -19.68 -14.71 14.80
C LEU B 381 -18.89 -15.63 15.78
N GLN B 382 -19.64 -16.50 16.51
CA GLN B 382 -19.05 -17.58 17.24
C GLN B 382 -19.46 -18.87 16.64
N VAL B 383 -18.49 -19.60 16.11
CA VAL B 383 -18.77 -20.83 15.41
C VAL B 383 -18.63 -22.02 16.40
N LEU B 384 -19.62 -22.93 16.36
CA LEU B 384 -19.79 -23.97 17.42
C LEU B 384 -18.98 -25.19 17.00
N ASP B 385 -19.57 -26.22 16.52
CA ASP B 385 -18.79 -27.44 16.24
C ASP B 385 -17.92 -27.21 15.06
N ARG B 386 -16.78 -27.86 15.09
CA ARG B 386 -15.91 -27.83 14.01
C ARG B 386 -16.63 -28.28 12.76
N VAL B 387 -16.40 -27.51 11.71
CA VAL B 387 -16.94 -27.88 10.40
C VAL B 387 -16.25 -29.07 9.77
N TYR B 388 -17.05 -30.11 9.45
CA TYR B 388 -16.56 -31.38 8.88
C TYR B 388 -17.59 -31.70 7.83
N TRP B 389 -17.18 -32.07 6.64
CA TRP B 389 -18.15 -32.39 5.63
C TRP B 389 -18.43 -33.93 5.39
N ASN B 390 -17.67 -34.88 5.95
CA ASN B 390 -18.10 -36.30 5.91
C ASN B 390 -18.29 -36.82 4.47
N ASP B 391 -17.37 -36.45 3.59
CA ASP B 391 -17.51 -36.81 2.20
C ASP B 391 -16.24 -37.48 1.74
N GLY B 392 -15.34 -37.76 2.68
CA GLY B 392 -14.13 -38.43 2.30
C GLY B 392 -12.98 -37.54 2.07
N LEU B 393 -13.18 -36.20 2.19
CA LEU B 393 -12.05 -35.26 1.99
C LEU B 393 -11.57 -34.44 3.17
N ASP B 394 -12.12 -34.79 4.31
CA ASP B 394 -11.89 -33.91 5.42
C ASP B 394 -10.42 -33.92 5.82
N GLN B 395 -9.74 -34.96 5.46
CA GLN B 395 -8.36 -35.01 5.85
C GLN B 395 -7.57 -33.99 5.21
N TYR B 396 -8.02 -33.45 4.04
CA TYR B 396 -7.25 -32.39 3.43
C TYR B 396 -7.65 -31.00 3.84
N ARG B 397 -8.72 -30.89 4.58
CA ARG B 397 -9.17 -29.60 4.97
C ARG B 397 -8.51 -29.10 6.19
N LEU B 398 -7.33 -28.55 6.00
CA LEU B 398 -6.54 -27.98 7.08
C LEU B 398 -6.82 -26.48 7.30
N THR B 399 -6.95 -26.03 8.55
CA THR B 399 -7.08 -24.69 8.90
C THR B 399 -5.77 -24.07 8.77
N PRO B 400 -5.70 -22.73 8.70
CA PRO B 400 -4.45 -21.98 8.70
C PRO B 400 -3.49 -22.40 9.87
N THR B 401 -4.09 -22.74 10.99
CA THR B 401 -3.32 -23.14 12.17
C THR B 401 -2.67 -24.52 11.84
N GLU B 402 -3.44 -25.52 11.41
CA GLU B 402 -2.90 -26.85 11.13
C GLU B 402 -1.92 -26.75 9.98
N LEU B 403 -2.05 -25.81 9.07
CA LEU B 403 -1.14 -25.73 7.90
C LEU B 403 0.15 -25.19 8.47
N LYS B 404 0.07 -24.10 9.21
CA LYS B 404 1.34 -23.56 9.79
C LYS B 404 2.13 -24.62 10.61
N GLN B 405 1.43 -25.50 11.31
CA GLN B 405 2.04 -26.51 12.12
C GLN B 405 2.63 -27.55 11.16
N LYS B 406 1.99 -27.76 10.00
CA LYS B 406 2.38 -28.76 9.07
C LYS B 406 3.68 -28.34 8.45
N PHE B 407 3.80 -27.07 8.16
CA PHE B 407 4.97 -26.49 7.54
C PHE B 407 6.15 -26.51 8.57
N LYS B 408 5.82 -26.40 9.85
CA LYS B 408 6.87 -26.34 10.88
C LYS B 408 7.45 -27.78 10.99
N ASP B 409 6.55 -28.75 11.10
CA ASP B 409 6.84 -30.17 11.20
C ASP B 409 7.65 -30.61 10.00
N MET B 410 7.50 -29.95 8.89
CA MET B 410 8.30 -30.28 7.74
C MET B 410 9.53 -29.51 7.77
N ASN B 411 9.64 -28.65 8.74
CA ASN B 411 10.83 -27.82 8.72
C ASN B 411 11.04 -27.00 7.50
N ALA B 412 9.95 -26.42 7.00
CA ALA B 412 10.09 -25.54 5.85
C ALA B 412 10.84 -24.26 6.19
N ASP B 413 11.55 -23.68 5.25
CA ASP B 413 11.93 -22.35 5.53
C ASP B 413 11.44 -21.32 4.51
N ALA B 414 10.61 -21.81 3.56
CA ALA B 414 9.88 -20.96 2.63
C ALA B 414 8.66 -21.79 2.25
N VAL B 415 7.50 -21.13 2.22
CA VAL B 415 6.25 -21.68 1.74
C VAL B 415 5.75 -20.88 0.51
N SER B 416 5.70 -21.53 -0.64
CA SER B 416 5.12 -21.08 -1.90
C SER B 416 3.70 -21.62 -1.99
N ALA B 417 2.67 -20.81 -2.25
CA ALA B 417 1.34 -21.37 -2.26
C ALA B 417 0.88 -21.31 -3.68
N PHE B 418 0.13 -22.33 -4.13
CA PHE B 418 -0.50 -22.38 -5.45
C PHE B 418 -1.99 -22.62 -5.29
N GLN B 419 -2.78 -21.55 -5.38
CA GLN B 419 -4.22 -21.58 -5.57
C GLN B 419 -4.58 -22.13 -6.96
N LEU B 420 -5.57 -22.94 -6.99
CA LEU B 420 -6.14 -23.46 -8.18
C LEU B 420 -7.51 -23.98 -7.97
N ARG B 421 -8.20 -24.12 -9.09
CA ARG B 421 -9.56 -24.60 -9.14
C ARG B 421 -9.79 -25.68 -10.21
N ASN B 422 -8.74 -25.91 -10.95
CA ASN B 422 -8.75 -26.80 -12.08
C ASN B 422 -7.74 -27.99 -11.87
N PRO B 423 -7.82 -28.97 -12.75
CA PRO B 423 -6.84 -30.06 -12.78
C PRO B 423 -5.46 -29.52 -13.08
N VAL B 424 -4.42 -30.10 -12.55
CA VAL B 424 -3.10 -29.58 -12.67
C VAL B 424 -2.55 -30.16 -13.95
N HIS B 425 -2.38 -29.33 -14.99
CA HIS B 425 -1.51 -29.71 -16.09
C HIS B 425 -0.10 -29.25 -15.86
N ASN B 426 0.83 -29.65 -16.72
CA ASN B 426 2.23 -29.44 -16.50
C ASN B 426 2.64 -27.98 -16.77
N GLY B 427 1.72 -27.18 -17.24
CA GLY B 427 1.97 -25.77 -17.27
C GLY B 427 1.98 -25.22 -15.82
N HIS B 428 1.00 -25.63 -15.07
CA HIS B 428 0.85 -25.19 -13.74
C HIS B 428 2.09 -25.70 -13.01
N ALA B 429 2.38 -26.95 -13.26
CA ALA B 429 3.51 -27.53 -12.55
C ALA B 429 4.76 -26.77 -12.86
N LEU B 430 4.92 -26.34 -14.09
CA LEU B 430 6.07 -25.58 -14.37
C LEU B 430 6.20 -24.32 -13.46
N LEU B 431 5.10 -23.66 -13.19
CA LEU B 431 5.12 -22.45 -12.41
C LEU B 431 5.62 -22.84 -11.04
N MET B 432 5.07 -23.89 -10.53
CA MET B 432 5.42 -24.35 -9.23
C MET B 432 6.91 -24.75 -9.23
N GLN B 433 7.35 -25.34 -10.35
CA GLN B 433 8.73 -25.87 -10.43
C GLN B 433 9.69 -24.73 -10.53
N ASP B 434 9.30 -23.73 -11.28
CA ASP B 434 10.14 -22.55 -11.40
C ASP B 434 10.23 -21.73 -10.07
N THR B 435 9.14 -21.70 -9.33
CA THR B 435 9.15 -20.97 -8.10
C THR B 435 10.09 -21.67 -7.15
N HIS B 436 9.97 -22.99 -7.17
CA HIS B 436 10.77 -23.83 -6.30
C HIS B 436 12.24 -23.64 -6.63
N LYS B 437 12.60 -23.40 -7.91
CA LYS B 437 14.00 -23.15 -8.33
C LYS B 437 14.42 -21.80 -7.88
N GLN B 438 13.61 -20.77 -8.14
CA GLN B 438 13.96 -19.45 -7.70
C GLN B 438 14.25 -19.38 -6.23
N LEU B 439 13.49 -20.08 -5.40
CA LEU B 439 13.70 -20.03 -3.98
C LEU B 439 15.07 -20.72 -3.56
N LEU B 440 15.38 -21.87 -4.19
CA LEU B 440 16.62 -22.62 -3.93
C LEU B 440 17.79 -21.66 -4.11
N GLU B 441 17.79 -20.97 -5.25
CA GLU B 441 18.80 -20.00 -5.58
C GLU B 441 18.96 -18.77 -4.69
N ARG B 442 17.88 -18.30 -4.13
CA ARG B 442 17.86 -17.21 -3.19
C ARG B 442 18.35 -17.69 -1.80
N GLY B 443 18.58 -18.99 -1.64
CA GLY B 443 19.22 -19.45 -0.45
C GLY B 443 18.26 -20.11 0.50
N TYR B 444 16.98 -20.13 0.17
CA TYR B 444 16.12 -21.06 0.88
C TYR B 444 16.52 -22.52 0.55
N ARG B 445 16.38 -23.44 1.52
CA ARG B 445 16.94 -24.77 1.40
C ARG B 445 15.88 -25.82 1.66
N ARG B 446 14.77 -25.41 2.28
CA ARG B 446 13.62 -26.29 2.37
C ARG B 446 12.29 -25.52 1.97
N PRO B 447 12.21 -25.11 0.71
CA PRO B 447 10.95 -24.60 0.11
C PRO B 447 9.95 -25.74 0.07
N VAL B 448 8.72 -25.42 0.54
CA VAL B 448 7.68 -26.35 0.56
C VAL B 448 6.58 -25.71 -0.27
N LEU B 449 5.85 -26.55 -0.97
CA LEU B 449 4.80 -26.08 -1.84
C LEU B 449 3.47 -26.48 -1.18
N LEU B 450 2.65 -25.47 -1.05
CA LEU B 450 1.25 -25.66 -0.68
C LEU B 450 0.41 -25.67 -1.94
N LEU B 451 0.02 -26.85 -2.36
CA LEU B 451 -0.93 -27.12 -3.44
C LEU B 451 -2.28 -27.08 -2.84
N HIS B 452 -3.02 -26.03 -3.20
CA HIS B 452 -4.14 -25.64 -2.38
C HIS B 452 -5.37 -25.44 -3.27
N PRO B 453 -5.94 -26.53 -3.74
CA PRO B 453 -7.20 -26.49 -4.46
C PRO B 453 -8.27 -25.88 -3.67
N LEU B 454 -9.06 -25.08 -4.34
CA LEU B 454 -10.27 -24.54 -3.71
C LEU B 454 -11.35 -25.60 -3.73
N GLY B 455 -12.17 -25.62 -2.69
CA GLY B 455 -13.04 -26.69 -2.21
C GLY B 455 -14.43 -26.21 -1.92
N GLY B 456 -14.65 -24.88 -2.01
CA GLY B 456 -15.98 -24.35 -1.74
C GLY B 456 -16.83 -24.45 -3.04
N TRP B 457 -17.96 -23.79 -3.10
CA TRP B 457 -18.78 -23.75 -4.30
C TRP B 457 -18.01 -23.37 -5.47
N THR B 458 -18.29 -24.13 -6.53
CA THR B 458 -17.80 -23.87 -7.82
C THR B 458 -18.87 -24.07 -8.86
N LYS B 459 -18.64 -23.51 -10.06
CA LYS B 459 -19.65 -23.43 -11.07
C LYS B 459 -19.88 -24.81 -11.63
N ASP B 460 -21.04 -24.91 -12.27
CA ASP B 460 -21.54 -26.21 -12.78
C ASP B 460 -20.62 -26.97 -13.67
N ASP B 461 -19.89 -26.31 -14.56
CA ASP B 461 -19.11 -27.18 -15.45
C ASP B 461 -17.69 -27.42 -15.00
N ASP B 462 -17.34 -27.05 -13.76
CA ASP B 462 -15.95 -27.25 -13.31
C ASP B 462 -15.83 -28.73 -12.92
N VAL B 463 -14.60 -29.28 -12.91
CA VAL B 463 -14.39 -30.62 -12.51
C VAL B 463 -14.62 -30.62 -10.98
N PRO B 464 -15.51 -31.46 -10.50
CA PRO B 464 -15.76 -31.60 -9.05
C PRO B 464 -14.57 -31.79 -8.25
N LEU B 465 -14.64 -31.30 -6.97
CA LEU B 465 -13.50 -31.38 -6.05
C LEU B 465 -12.90 -32.84 -5.94
N MET B 466 -13.77 -33.81 -5.81
CA MET B 466 -13.25 -35.19 -5.61
C MET B 466 -12.47 -35.70 -6.77
N TRP B 467 -12.96 -35.40 -7.98
CA TRP B 467 -12.21 -35.75 -9.12
C TRP B 467 -10.96 -34.98 -9.21
N ARG B 468 -10.94 -33.72 -8.77
CA ARG B 468 -9.70 -32.99 -8.83
C ARG B 468 -8.70 -33.49 -7.85
N MET B 469 -9.19 -33.76 -6.61
CA MET B 469 -8.23 -34.30 -5.68
C MET B 469 -7.57 -35.59 -6.24
N LYS B 470 -8.35 -36.52 -6.72
CA LYS B 470 -7.78 -37.78 -7.28
C LYS B 470 -6.81 -37.48 -8.46
N GLN B 471 -7.11 -36.49 -9.26
CA GLN B 471 -6.14 -36.05 -10.29
C GLN B 471 -4.92 -35.51 -9.77
N HIS B 472 -5.06 -34.77 -8.63
CA HIS B 472 -3.86 -34.08 -8.14
C HIS B 472 -3.02 -35.17 -7.54
N ALA B 473 -3.66 -36.09 -6.85
CA ALA B 473 -2.94 -37.27 -6.29
C ALA B 473 -2.18 -38.04 -7.38
N ALA B 474 -2.74 -38.16 -8.56
CA ALA B 474 -1.99 -38.80 -9.67
C ALA B 474 -0.77 -38.06 -10.09
N VAL B 475 -0.84 -36.71 -9.99
CA VAL B 475 0.25 -35.89 -10.46
C VAL B 475 1.43 -35.97 -9.50
N LEU B 476 1.15 -36.02 -8.23
CA LEU B 476 2.21 -36.25 -7.22
C LEU B 476 2.77 -37.76 -7.30
N GLU B 477 1.89 -38.72 -7.55
CA GLU B 477 2.31 -40.10 -7.78
C GLU B 477 3.24 -40.25 -9.00
N GLU B 478 3.10 -39.43 -10.05
CA GLU B 478 4.05 -39.46 -11.12
C GLU B 478 5.28 -38.62 -10.89
N GLY B 479 5.29 -37.86 -9.79
CA GLY B 479 6.47 -37.08 -9.44
C GLY B 479 6.69 -35.79 -10.21
N VAL B 480 5.67 -35.36 -10.99
CA VAL B 480 5.69 -34.03 -11.54
C VAL B 480 5.77 -32.98 -10.36
N LEU B 481 5.26 -33.32 -9.21
CA LEU B 481 5.49 -32.56 -8.05
C LEU B 481 5.92 -33.59 -6.96
N ASN B 482 6.84 -33.19 -6.10
CA ASN B 482 7.35 -34.08 -5.11
C ASN B 482 6.45 -34.06 -3.91
N PRO B 483 5.82 -35.21 -3.58
CA PRO B 483 4.97 -35.36 -2.41
C PRO B 483 5.69 -35.05 -1.09
N GLU B 484 7.01 -35.18 -1.09
CA GLU B 484 7.76 -35.06 0.16
C GLU B 484 7.92 -33.58 0.45
N THR B 485 7.96 -32.73 -0.57
CA THR B 485 7.96 -31.27 -0.29
C THR B 485 6.66 -30.47 -0.57
N THR B 486 5.53 -31.17 -0.55
CA THR B 486 4.35 -30.59 -1.11
C THR B 486 3.26 -30.87 -0.09
N VAL B 487 2.54 -29.88 0.38
CA VAL B 487 1.36 -30.16 1.23
C VAL B 487 0.13 -29.93 0.34
N VAL B 488 -0.74 -30.90 0.23
CA VAL B 488 -2.00 -30.83 -0.46
C VAL B 488 -3.10 -30.61 0.53
N ALA B 489 -3.81 -29.52 0.32
CA ALA B 489 -4.90 -29.15 1.22
C ALA B 489 -5.96 -28.50 0.45
N ILE B 490 -7.16 -28.40 0.99
CA ILE B 490 -8.30 -27.82 0.32
C ILE B 490 -8.61 -26.52 0.98
N PHE B 491 -8.64 -25.42 0.17
CA PHE B 491 -9.07 -24.10 0.64
C PHE B 491 -10.53 -24.03 0.67
N PRO B 492 -11.15 -23.69 1.80
CA PRO B 492 -12.58 -23.86 1.84
C PRO B 492 -13.50 -22.79 1.25
N SER B 493 -12.93 -21.76 0.62
CA SER B 493 -13.76 -20.72 0.15
C SER B 493 -14.61 -21.09 -1.06
N PRO B 494 -15.82 -20.58 -1.17
CA PRO B 494 -16.48 -20.50 -2.42
C PRO B 494 -15.61 -19.72 -3.40
N MET B 495 -15.76 -20.14 -4.62
CA MET B 495 -15.16 -19.54 -5.81
C MET B 495 -16.16 -18.50 -6.37
N MET B 496 -15.66 -17.29 -6.58
CA MET B 496 -16.48 -16.16 -7.04
C MET B 496 -16.31 -15.87 -8.54
N TYR B 497 -15.19 -16.29 -9.08
CA TYR B 497 -14.91 -15.96 -10.45
C TYR B 497 -14.95 -14.41 -10.64
N ALA B 498 -14.07 -13.69 -9.92
CA ALA B 498 -13.98 -12.27 -9.95
C ALA B 498 -12.56 -11.77 -10.24
N GLY B 499 -11.81 -12.62 -10.93
CA GLY B 499 -10.55 -12.17 -11.49
C GLY B 499 -9.68 -11.36 -10.56
N PRO B 500 -9.15 -10.23 -11.02
CA PRO B 500 -8.27 -9.39 -10.22
C PRO B 500 -8.76 -8.92 -8.87
N THR B 501 -10.06 -8.87 -8.69
CA THR B 501 -10.59 -8.59 -7.39
C THR B 501 -10.46 -9.91 -6.50
N GLU B 502 -10.73 -11.07 -7.08
CA GLU B 502 -10.74 -12.29 -6.26
C GLU B 502 -9.34 -12.77 -6.01
N VAL B 503 -8.42 -12.49 -6.93
CA VAL B 503 -7.08 -12.99 -6.77
C VAL B 503 -6.43 -12.41 -5.53
N GLN B 504 -6.83 -11.27 -5.15
CA GLN B 504 -6.33 -10.63 -3.91
C GLN B 504 -6.87 -11.40 -2.72
N TRP B 505 -8.08 -11.93 -2.86
CA TRP B 505 -8.69 -12.72 -1.75
C TRP B 505 -7.94 -14.10 -1.65
N HIS B 506 -7.74 -14.73 -2.81
CA HIS B 506 -6.93 -15.91 -2.88
C HIS B 506 -5.56 -15.72 -2.24
N CYS B 507 -4.82 -14.71 -2.66
CA CYS B 507 -3.56 -14.38 -2.02
C CYS B 507 -3.59 -14.08 -0.49
N ARG B 508 -4.36 -13.13 -0.08
CA ARG B 508 -4.46 -12.80 1.34
C ARG B 508 -4.79 -14.00 2.18
N ALA B 509 -5.63 -14.93 1.72
CA ALA B 509 -6.02 -16.05 2.55
C ALA B 509 -4.79 -16.92 2.76
N ARG B 510 -3.97 -17.01 1.75
CA ARG B 510 -2.80 -17.90 1.92
C ARG B 510 -1.74 -17.19 2.81
N MET B 511 -1.74 -15.86 2.82
CA MET B 511 -0.90 -15.01 3.65
C MET B 511 -1.21 -15.27 5.03
N VAL B 512 -2.44 -15.51 5.30
CA VAL B 512 -2.88 -15.75 6.65
C VAL B 512 -2.51 -17.14 7.05
N ALA B 513 -2.38 -18.04 6.10
CA ALA B 513 -1.94 -19.40 6.40
C ALA B 513 -0.41 -19.55 6.42
N GLY B 514 0.31 -18.49 6.24
CA GLY B 514 1.72 -18.49 6.48
C GLY B 514 2.47 -18.65 5.23
N ALA B 515 1.86 -18.53 4.06
CA ALA B 515 2.70 -18.54 2.90
C ALA B 515 3.61 -17.33 2.74
N ASN B 516 4.78 -17.55 2.15
CA ASN B 516 5.70 -16.50 2.04
C ASN B 516 5.79 -16.07 0.63
N PHE B 517 5.39 -16.92 -0.30
CA PHE B 517 5.48 -16.54 -1.73
C PHE B 517 4.16 -17.03 -2.34
N TYR B 518 3.59 -16.27 -3.23
CA TYR B 518 2.27 -16.58 -3.71
C TYR B 518 2.38 -16.52 -5.23
N ILE B 519 2.16 -17.64 -5.83
CA ILE B 519 2.28 -17.78 -7.29
C ILE B 519 1.01 -17.38 -8.06
N VAL B 520 1.18 -16.64 -9.17
CA VAL B 520 0.06 -16.17 -9.88
C VAL B 520 0.44 -16.11 -11.35
N GLY B 521 -0.45 -16.58 -12.19
CA GLY B 521 -0.05 -16.62 -13.56
C GLY B 521 -1.04 -15.75 -14.32
N ARG B 522 -1.46 -16.29 -15.41
CA ARG B 522 -2.38 -15.58 -16.33
C ARG B 522 -3.84 -15.77 -15.94
N ASP B 523 -4.66 -14.76 -16.10
CA ASP B 523 -6.06 -14.78 -15.91
C ASP B 523 -6.43 -15.52 -14.68
N PRO B 524 -5.87 -15.15 -13.54
CA PRO B 524 -6.26 -15.85 -12.32
C PRO B 524 -7.71 -15.48 -11.94
N ALA B 525 -8.46 -16.46 -11.50
CA ALA B 525 -9.83 -16.37 -11.02
C ALA B 525 -10.72 -15.86 -12.18
N GLY B 526 -10.31 -16.00 -13.41
CA GLY B 526 -11.19 -15.47 -14.43
C GLY B 526 -12.02 -16.55 -15.02
N MET B 527 -12.85 -16.16 -15.95
CA MET B 527 -13.74 -17.07 -16.74
C MET B 527 -14.25 -16.30 -17.95
N PRO B 528 -14.80 -17.01 -18.93
CA PRO B 528 -15.35 -16.32 -20.10
C PRO B 528 -16.57 -15.57 -19.67
N HIS B 529 -16.76 -14.43 -20.27
CA HIS B 529 -17.94 -13.62 -20.06
C HIS B 529 -19.04 -14.42 -20.62
N PRO B 530 -20.09 -14.60 -19.85
CA PRO B 530 -21.13 -15.53 -20.30
C PRO B 530 -21.89 -14.99 -21.54
N GLU B 531 -21.85 -13.68 -21.77
CA GLU B 531 -22.52 -13.09 -22.95
C GLU B 531 -21.72 -13.18 -24.24
N THR B 532 -20.44 -12.89 -24.17
CA THR B 532 -19.56 -12.82 -25.35
C THR B 532 -18.66 -14.00 -25.53
N GLY B 533 -18.51 -14.81 -24.48
CA GLY B 533 -17.43 -15.78 -24.43
C GLY B 533 -16.05 -15.17 -24.44
N LYS B 534 -15.93 -13.83 -24.47
CA LYS B 534 -14.59 -13.24 -24.41
C LYS B 534 -14.12 -13.33 -22.92
N ASP B 535 -12.80 -13.40 -22.68
CA ASP B 535 -12.26 -13.24 -21.33
C ASP B 535 -13.06 -12.11 -20.63
N LEU B 536 -13.71 -12.42 -19.52
CA LEU B 536 -14.31 -11.39 -18.74
C LEU B 536 -13.30 -10.31 -18.22
N TYR B 537 -12.09 -10.77 -17.88
CA TYR B 537 -11.03 -9.93 -17.40
C TYR B 537 -9.88 -9.95 -18.41
N GLU B 538 -9.08 -8.92 -18.36
CA GLU B 538 -7.90 -8.81 -19.16
C GLU B 538 -6.94 -9.71 -18.49
N PRO B 539 -6.30 -10.59 -19.21
CA PRO B 539 -5.53 -11.64 -18.56
C PRO B 539 -4.28 -11.30 -17.86
N SER B 540 -3.76 -10.11 -18.03
CA SER B 540 -2.55 -9.77 -17.28
C SER B 540 -2.91 -9.00 -16.10
N HIS B 541 -4.17 -8.59 -15.94
CA HIS B 541 -4.50 -7.79 -14.82
C HIS B 541 -4.40 -8.38 -13.48
N GLY B 542 -4.76 -9.65 -13.34
CA GLY B 542 -4.69 -10.25 -12.06
C GLY B 542 -3.32 -10.08 -11.46
N ALA B 543 -2.30 -10.52 -12.17
CA ALA B 543 -0.99 -10.34 -11.75
C ALA B 543 -0.54 -8.88 -11.61
N LYS B 544 -0.80 -8.02 -12.56
CA LYS B 544 -0.45 -6.62 -12.36
C LYS B 544 -1.08 -5.98 -11.09
N VAL B 545 -2.40 -6.26 -10.87
CA VAL B 545 -3.11 -5.77 -9.68
C VAL B 545 -2.54 -6.39 -8.45
N LEU B 546 -2.27 -7.67 -8.52
CA LEU B 546 -1.82 -8.33 -7.29
C LEU B 546 -0.45 -7.87 -6.86
N THR B 547 0.50 -7.76 -7.78
CA THR B 547 1.81 -7.26 -7.49
C THR B 547 1.89 -5.87 -6.87
N MET B 548 0.87 -5.04 -7.10
CA MET B 548 0.81 -3.75 -6.49
C MET B 548 -0.21 -3.54 -5.45
N ALA B 549 -0.94 -4.59 -5.11
CA ALA B 549 -2.00 -4.37 -4.20
C ALA B 549 -1.48 -4.09 -2.80
N PRO B 550 -2.17 -3.23 -2.08
CA PRO B 550 -1.84 -2.83 -0.74
C PRO B 550 -2.31 -3.87 0.20
N GLY B 551 -1.75 -3.87 1.40
CA GLY B 551 -2.23 -4.78 2.42
C GLY B 551 -1.78 -6.25 2.43
N LEU B 552 -0.75 -6.59 1.63
CA LEU B 552 -0.30 -7.90 1.46
C LEU B 552 1.24 -7.86 1.67
N ILE B 553 1.67 -7.34 2.77
CA ILE B 553 3.08 -6.96 2.92
C ILE B 553 3.90 -8.16 3.36
N THR B 554 3.31 -9.15 4.07
CA THR B 554 4.11 -10.34 4.48
C THR B 554 4.33 -11.50 3.51
N LEU B 555 4.12 -11.28 2.23
CA LEU B 555 4.45 -12.29 1.31
C LEU B 555 4.82 -11.64 0.06
N GLU B 556 5.50 -12.39 -0.80
CA GLU B 556 5.93 -11.89 -2.05
C GLU B 556 5.11 -12.51 -3.14
N ILE B 557 4.68 -11.70 -4.07
CA ILE B 557 3.98 -12.21 -5.19
C ILE B 557 5.00 -12.63 -6.21
N VAL B 558 4.86 -13.85 -6.76
CA VAL B 558 5.69 -14.37 -7.88
C VAL B 558 4.85 -14.52 -9.14
N PRO B 559 4.90 -13.52 -9.98
CA PRO B 559 4.08 -13.54 -11.20
C PRO B 559 4.71 -14.23 -12.35
N PHE B 560 3.90 -14.92 -13.12
CA PHE B 560 4.30 -15.73 -14.25
C PHE B 560 3.57 -15.35 -15.50
N ARG B 561 4.26 -15.48 -16.61
CA ARG B 561 3.67 -15.30 -17.94
C ARG B 561 2.96 -16.65 -18.34
N VAL B 562 2.18 -16.61 -19.38
CA VAL B 562 1.40 -17.77 -19.79
C VAL B 562 2.27 -18.90 -20.35
N ALA B 563 2.04 -20.08 -19.81
CA ALA B 563 2.65 -21.29 -20.21
C ALA B 563 1.73 -22.11 -21.14
N ALA B 564 2.31 -22.75 -22.17
CA ALA B 564 1.56 -23.51 -23.15
C ALA B 564 2.42 -24.65 -23.66
N TYR B 565 1.83 -25.58 -24.43
CA TYR B 565 2.50 -26.81 -24.81
C TYR B 565 3.38 -26.46 -25.98
N ASN B 566 4.68 -26.74 -25.84
CA ASN B 566 5.60 -26.48 -26.97
C ASN B 566 5.75 -27.76 -27.85
N LYS B 567 5.19 -27.73 -29.08
CA LYS B 567 5.21 -28.93 -29.98
C LYS B 567 6.62 -29.42 -30.28
N LYS B 568 7.47 -28.44 -30.54
CA LYS B 568 8.86 -28.59 -30.96
C LYS B 568 9.68 -29.12 -29.80
N LYS B 569 9.46 -28.66 -28.55
CA LYS B 569 10.21 -29.21 -27.39
C LYS B 569 9.48 -30.38 -26.69
N LYS B 570 8.23 -30.61 -27.06
CA LYS B 570 7.44 -31.65 -26.43
C LYS B 570 7.35 -31.46 -24.94
N ARG B 571 7.25 -30.20 -24.54
CA ARG B 571 6.96 -29.87 -23.15
C ARG B 571 6.24 -28.51 -22.99
N MET B 572 5.76 -28.27 -21.77
CA MET B 572 5.04 -27.03 -21.42
C MET B 572 6.18 -26.05 -21.19
N ASP B 573 6.08 -24.88 -21.80
CA ASP B 573 7.03 -23.81 -21.59
C ASP B 573 6.26 -22.50 -21.73
N TYR B 574 6.93 -21.37 -21.40
CA TYR B 574 6.37 -20.03 -21.49
C TYR B 574 6.27 -19.78 -22.95
N TYR B 575 5.15 -19.18 -23.31
CA TYR B 575 4.81 -18.79 -24.63
C TYR B 575 5.52 -17.54 -25.08
N ASP B 576 5.78 -17.49 -26.39
CA ASP B 576 6.61 -16.49 -27.10
C ASP B 576 5.94 -16.03 -28.44
N SER B 577 5.49 -14.79 -28.60
CA SER B 577 4.96 -14.15 -29.83
C SER B 577 5.54 -14.66 -31.18
N GLU B 578 6.87 -14.63 -31.24
CA GLU B 578 7.62 -15.01 -32.41
C GLU B 578 8.10 -16.43 -32.12
N HIS B 579 7.08 -17.28 -31.98
CA HIS B 579 7.10 -18.72 -32.12
C HIS B 579 5.58 -19.14 -31.99
N HIS B 580 4.64 -18.22 -32.18
CA HIS B 580 3.19 -18.49 -32.03
C HIS B 580 2.88 -19.95 -32.40
N GLU B 581 3.41 -20.37 -33.55
CA GLU B 581 3.09 -21.64 -34.19
C GLU B 581 3.52 -22.88 -33.41
N ASP B 582 4.63 -22.84 -32.63
CA ASP B 582 5.10 -24.03 -31.86
C ASP B 582 4.27 -24.35 -30.58
N PHE B 583 3.26 -23.51 -30.33
CA PHE B 583 2.57 -23.51 -29.06
C PHE B 583 1.18 -24.02 -29.27
N GLU B 584 0.82 -25.02 -28.46
CA GLU B 584 -0.54 -25.57 -28.46
C GLU B 584 -1.20 -25.28 -27.11
N PHE B 585 -2.31 -24.55 -27.19
CA PHE B 585 -3.14 -24.19 -26.03
C PHE B 585 -4.36 -25.18 -25.86
N ILE B 586 -4.31 -26.00 -24.83
CA ILE B 586 -5.29 -27.04 -24.65
C ILE B 586 -6.15 -26.62 -23.45
N SER B 587 -7.38 -26.15 -23.72
CA SER B 587 -8.30 -25.77 -22.68
C SER B 587 -9.05 -27.00 -22.06
N GLY B 588 -9.90 -26.75 -21.03
CA GLY B 588 -10.75 -27.77 -20.42
C GLY B 588 -11.77 -28.37 -21.45
N THR B 589 -12.28 -27.48 -22.27
CA THR B 589 -13.08 -27.81 -23.39
C THR B 589 -12.36 -28.74 -24.32
N ARG B 590 -11.10 -28.47 -24.58
CA ARG B 590 -10.38 -29.31 -25.51
C ARG B 590 -10.09 -30.63 -24.87
N MET B 591 -9.72 -30.63 -23.60
CA MET B 591 -9.51 -31.88 -22.90
C MET B 591 -10.78 -32.77 -22.96
N ARG B 592 -11.97 -32.23 -22.82
CA ARG B 592 -13.16 -33.04 -22.77
C ARG B 592 -13.51 -33.59 -24.10
N LYS B 593 -13.26 -32.79 -25.13
CA LYS B 593 -13.37 -33.25 -26.51
C LYS B 593 -12.42 -34.37 -26.78
N LEU B 594 -11.18 -34.22 -26.35
CA LEU B 594 -10.23 -35.25 -26.55
C LEU B 594 -10.57 -36.58 -25.78
N ALA B 595 -11.07 -36.51 -24.56
CA ALA B 595 -11.38 -37.70 -23.86
C ALA B 595 -12.51 -38.54 -24.57
N ARG B 596 -13.53 -37.83 -24.99
CA ARG B 596 -14.75 -38.29 -25.68
C ARG B 596 -14.51 -38.93 -26.98
N GLU B 597 -13.34 -38.71 -27.56
CA GLU B 597 -12.98 -39.42 -28.79
C GLU B 597 -11.87 -40.38 -28.51
N GLY B 598 -11.63 -40.67 -27.25
CA GLY B 598 -10.56 -41.62 -26.94
C GLY B 598 -9.11 -41.20 -27.21
N GLN B 599 -8.87 -39.89 -27.39
CA GLN B 599 -7.51 -39.32 -27.55
C GLN B 599 -6.96 -38.83 -26.18
N LYS B 600 -5.63 -38.84 -26.10
CA LYS B 600 -4.85 -38.25 -25.08
C LYS B 600 -4.25 -36.92 -25.61
N PRO B 601 -4.05 -35.93 -24.73
CA PRO B 601 -3.34 -34.72 -25.11
C PRO B 601 -1.89 -35.09 -25.27
N PRO B 602 -1.09 -34.25 -25.90
CA PRO B 602 0.31 -34.53 -26.23
C PRO B 602 1.11 -34.93 -25.09
N GLU B 603 2.22 -35.56 -25.39
CA GLU B 603 3.08 -36.11 -24.36
C GLU B 603 3.84 -34.88 -23.77
N GLY B 604 3.69 -34.68 -22.43
CA GLY B 604 4.29 -33.57 -21.69
C GLY B 604 3.29 -32.52 -21.11
N PHE B 605 2.09 -32.56 -21.60
CA PHE B 605 1.00 -31.70 -21.19
C PHE B 605 0.47 -32.13 -19.87
N MET B 606 0.19 -33.41 -19.67
CA MET B 606 -0.33 -33.87 -18.40
C MET B 606 0.26 -35.24 -18.03
N ALA B 607 0.55 -35.46 -16.75
CA ALA B 607 0.98 -36.76 -16.35
C ALA B 607 -0.05 -37.82 -16.71
N PRO B 608 0.40 -38.95 -17.32
CA PRO B 608 -0.52 -40.00 -17.77
C PRO B 608 -1.58 -40.51 -16.75
N LYS B 609 -1.13 -40.82 -15.56
CA LYS B 609 -2.06 -41.30 -14.57
C LYS B 609 -3.12 -40.25 -14.23
N ALA B 610 -2.72 -38.98 -14.32
CA ALA B 610 -3.65 -37.88 -14.03
C ALA B 610 -4.65 -37.67 -15.12
N TRP B 611 -4.21 -37.82 -16.35
CA TRP B 611 -5.15 -37.87 -17.49
C TRP B 611 -6.18 -38.98 -17.43
N THR B 612 -5.74 -40.14 -16.98
CA THR B 612 -6.60 -41.29 -16.86
C THR B 612 -7.64 -41.04 -15.84
N VAL B 613 -7.27 -40.37 -14.78
CA VAL B 613 -8.29 -39.92 -13.81
C VAL B 613 -9.30 -39.05 -14.46
N LEU B 614 -8.86 -38.09 -15.26
CA LEU B 614 -9.80 -37.31 -16.04
C LEU B 614 -10.72 -38.05 -17.06
N THR B 615 -10.19 -39.06 -17.74
CA THR B 615 -11.04 -39.83 -18.69
C THR B 615 -12.07 -40.56 -17.85
N GLU B 616 -11.73 -40.95 -16.60
CA GLU B 616 -12.74 -41.57 -15.78
C GLU B 616 -13.81 -40.61 -15.44
N TYR B 617 -13.38 -39.38 -15.18
CA TYR B 617 -14.37 -38.33 -14.89
C TYR B 617 -15.22 -38.03 -16.05
N TYR B 618 -14.60 -37.84 -17.20
CA TYR B 618 -15.40 -37.55 -18.43
C TYR B 618 -16.35 -38.70 -18.83
N LYS B 619 -15.90 -39.92 -18.64
CA LYS B 619 -16.81 -41.10 -18.74
C LYS B 619 -18.02 -41.01 -17.81
N SER B 620 -17.81 -40.71 -16.52
CA SER B 620 -18.95 -40.62 -15.61
C SER B 620 -19.94 -39.59 -16.12
N LEU B 621 -19.42 -38.54 -16.70
CA LEU B 621 -20.33 -37.51 -17.20
C LEU B 621 -21.22 -38.11 -18.26
N GLU B 622 -20.57 -38.83 -19.20
CA GLU B 622 -21.24 -39.47 -20.31
C GLU B 622 -22.32 -40.49 -19.89
N LYS B 623 -22.06 -41.35 -18.92
CA LYS B 623 -23.12 -42.21 -18.39
C LYS B 623 -24.37 -41.49 -17.87
N ALA B 624 -24.20 -40.27 -17.31
CA ALA B 624 -25.33 -39.49 -16.79
C ALA B 624 -26.32 -39.00 -17.87
PB ADP C . 28.43 20.48 18.60
O1B ADP C . 28.89 20.94 17.30
O2B ADP C . 27.91 19.09 18.59
O3B ADP C . 29.46 20.48 19.78
PA ADP C . 25.93 21.28 19.83
O1A ADP C . 25.02 20.64 18.77
O2A ADP C . 25.85 20.21 20.85
O3A ADP C . 27.28 21.56 19.01
O5' ADP C . 25.34 22.78 20.07
C5' ADP C . 25.08 23.83 19.18
C4' ADP C . 24.08 24.82 19.84
O4' ADP C . 23.68 25.84 18.97
C3' ADP C . 22.80 24.17 20.37
O3' ADP C . 22.46 24.61 21.68
C2' ADP C . 21.79 24.59 19.33
O2' ADP C . 20.51 24.68 19.86
C1' ADP C . 22.26 25.92 18.87
N9 ADP C . 21.81 26.23 17.52
C8 ADP C . 21.33 27.46 17.09
N7 ADP C . 21.05 27.30 15.73
C5 ADP C . 21.41 26.02 15.31
C6 ADP C . 21.33 25.38 14.09
N6 ADP C . 20.81 25.96 13.05
N1 ADP C . 21.78 24.11 14.00
C2 ADP C . 22.23 23.42 15.09
N3 ADP C . 22.35 24.04 16.33
C4 ADP C . 21.92 25.33 16.41
SB ADX D . 38.11 15.20 17.28
O1B ADX D . 38.77 16.44 16.71
O2B ADX D . 37.14 14.91 16.06
O3B ADX D . 39.08 14.10 17.71
PA ADX D . 35.90 14.93 19.05
O1A ADX D . 34.79 15.38 18.16
O2A ADX D . 36.06 13.44 19.01
O3A ADX D . 37.25 15.67 18.57
O5' ADX D . 35.75 15.71 20.48
C5' ADX D . 34.76 15.28 21.42
C4' ADX D . 34.59 16.16 22.66
O4' ADX D . 35.80 16.15 23.50
C3' ADX D . 34.16 17.62 22.40
O3' ADX D . 32.93 18.11 22.99
C2' ADX D . 35.34 18.35 23.02
O2' ADX D . 35.00 19.59 23.56
C1' ADX D . 35.99 17.45 24.08
N9 ADX D . 37.42 17.83 24.24
C8 ADX D . 38.24 17.48 25.26
N7 ADX D . 39.43 18.03 24.93
C5 ADX D . 39.36 18.71 23.77
C6 ADX D . 40.30 19.44 23.07
N6 ADX D . 41.57 19.16 23.44
N1 ADX D . 39.93 20.04 21.83
C2 ADX D . 38.65 19.90 21.34
N3 ADX D . 37.77 19.17 22.10
C4 ADX D . 38.10 18.59 23.29
SB ADX E . -23.17 17.26 -5.80
O1B ADX E . -22.47 18.44 -5.78
O2B ADX E . -22.96 16.59 -7.13
O3B ADX E . -23.33 16.90 -4.45
PA ADX E . -25.38 19.04 -5.12
O1A ADX E . -24.97 20.27 -5.61
O2A ADX E . -26.80 18.80 -5.44
O3A ADX E . -24.70 17.79 -5.89
O5' ADX E . -25.28 19.24 -3.65
C5' ADX E . -24.08 19.69 -3.15
C4' ADX E . -23.74 19.36 -1.73
O4' ADX E . -24.90 19.53 -0.88
C3' ADX E . -23.17 17.91 -1.46
O3' ADX E . -22.50 17.84 -0.25
C2' ADX E . -24.45 17.14 -1.22
O2' ADX E . -24.53 16.02 -0.37
C1' ADX E . -25.23 18.22 -0.37
N9 ADX E . -26.71 18.27 -0.40
C8 ADX E . -27.47 18.50 -1.51
N7 ADX E . -28.77 18.65 -1.01
C5 ADX E . -28.79 18.49 0.33
C6 ADX E . -29.83 18.50 1.19
N6 ADX E . -30.94 19.21 0.81
N1 ADX E . -29.50 18.30 2.52
C2 ADX E . -28.17 18.06 2.91
N3 ADX E . -27.15 18.07 2.02
C4 ADX E . -27.49 18.26 0.73
SB ADX F . -7.88 -19.98 -10.68
O1B ADX F . -7.62 -20.77 -9.52
O2B ADX F . -9.24 -19.57 -10.49
O3B ADX F . -6.86 -19.01 -10.82
PA ADX F . -6.76 -22.12 -12.38
O1A ADX F . -6.86 -23.29 -11.43
O2A ADX F . -7.11 -22.28 -13.84
O3A ADX F . -7.86 -21.01 -11.93
O5' ADX F . -5.44 -21.41 -12.31
C5' ADX F . -4.58 -21.59 -11.23
C4' ADX F . -3.40 -20.70 -11.33
O4' ADX F . -2.58 -20.87 -12.51
C3' ADX F . -3.61 -19.21 -11.30
O3' ADX F . -2.57 -18.45 -10.74
C2' ADX F . -3.62 -18.87 -12.79
O2' ADX F . -3.43 -17.58 -13.12
C1' ADX F . -2.50 -19.65 -13.33
N9 ADX F . -2.67 -20.26 -14.69
C8 ADX F . -3.74 -21.08 -15.18
N7 ADX F . -3.35 -21.56 -16.43
C5 ADX F . -2.12 -21.00 -16.72
C6 ADX F . -1.24 -21.09 -17.76
N6 ADX F . -1.38 -21.88 -18.85
N1 ADX F . -0.09 -20.37 -17.64
C2 ADX F . 0.22 -19.51 -16.63
N3 ADX F . -0.67 -19.41 -15.59
C4 ADX F . -1.72 -20.22 -15.60
#